data_8S1Y
#
_entry.id   8S1Y
#
_cell.length_a   57.430
_cell.length_b   63.940
_cell.length_c   65.970
_cell.angle_alpha   64.800
_cell.angle_beta   70.290
_cell.angle_gamma   68.180
#
_symmetry.space_group_name_H-M   'P 1'
#
loop_
_entity.id
_entity.type
_entity.pdbx_description
1 polymer '8-amino-7-oxononanoate synthase/2-amino-3-ketobutyrate coenzyme A ligase'
2 non-polymer (4S)-2-METHYL-2,4-PENTANEDIOL
3 non-polymer '(2~{R},4~{R})-5,5-dimethyl-2-[2-methyl-3-oxidanyl-5-(phosphonooxymethyl)pyridin-4-yl]-1,3-thiazolidine-4-carboxylic acid'
4 water water
#
_entity_poly.entity_id   1
_entity_poly.type   'polypeptide(L)'
_entity_poly.pdbx_seq_one_letter_code
;MSYYHHHHHHDYDIPTTENLYFQGAMGSLDLRARVREELERLKREGLYISPKVLEAPQEPVTRVEGREVVNLASNNYLGF
ANHPYLKEKARQYLEKWGAGSGAARTIAGTFTYHVELEEALARFKGTESALVLQSGFTANQGVLGALLKEGDVVFSDELN
HASIIDGLRLTKATRLVFRHADVAHLEELLKAHDTDGLKLIVTDGVFSMDGDIAPLDKIVPLAKKYKAVVYVDDAHGSGV
LGEKGKGTVHHFGFHQDPDVVQVATLSKAWAGIGGYAAGARELKDLLINKARPFLFSTSHPPAVVGALLGALELIEKEPE
RVERLWENTRYFKRELARLGYDTLGSQTPITPVLFGEAPLAFEASRLLLEEGVFAVGIGFPTVPRGKARIRNIVTAAHTK
EMLDKALEAYEKVGKRLGIIR
;
_entity_poly.pdbx_strand_id   A,B
#
loop_
_chem_comp.id
_chem_comp.type
_chem_comp.name
_chem_comp.formula
A1H4V non-polymer '(2~{R},4~{R})-5,5-dimethyl-2-[2-methyl-3-oxidanyl-5-(phosphonooxymethyl)pyridin-4-yl]-1,3-thiazolidine-4-carboxylic acid' 'C13 H19 N2 O7 P S'
MPD non-polymer (4S)-2-METHYL-2,4-PENTANEDIOL 'C6 H14 O2'
#
# COMPACT_ATOMS: atom_id res chain seq x y z
N GLY A 24 -22.92 22.59 -17.00
CA GLY A 24 -23.83 23.18 -18.01
C GLY A 24 -25.28 22.75 -17.79
N ALA A 25 -26.08 22.73 -18.88
CA ALA A 25 -27.53 22.63 -18.80
C ALA A 25 -27.97 21.42 -18.02
N MET A 26 -27.20 20.31 -18.15
CA MET A 26 -27.65 19.01 -17.67
C MET A 26 -27.02 18.78 -16.30
N GLY A 27 -26.24 19.75 -15.83
CA GLY A 27 -25.64 19.63 -14.50
C GLY A 27 -24.30 18.92 -14.54
N SER A 28 -23.75 18.77 -13.33
CA SER A 28 -22.42 18.20 -13.23
C SER A 28 -22.48 16.74 -13.61
N LEU A 29 -21.33 16.17 -14.04
CA LEU A 29 -21.31 14.86 -14.62
C LEU A 29 -21.67 13.81 -13.61
N ASP A 30 -22.34 12.78 -14.04
CA ASP A 30 -22.52 11.58 -13.27
C ASP A 30 -21.28 10.70 -13.42
N LEU A 31 -21.22 9.68 -12.56
CA LEU A 31 -20.02 8.89 -12.55
C LEU A 31 -19.83 8.19 -13.89
N ARG A 32 -20.89 7.57 -14.47
CA ARG A 32 -20.67 6.76 -15.65
C ARG A 32 -20.21 7.65 -16.78
N ALA A 33 -20.74 8.87 -16.83
CA ALA A 33 -20.31 9.82 -17.85
C ALA A 33 -18.82 10.19 -17.69
N ARG A 34 -18.39 10.47 -16.46
CA ARG A 34 -16.96 10.77 -16.25
C ARG A 34 -16.11 9.56 -16.67
N VAL A 35 -16.54 8.35 -16.30
CA VAL A 35 -15.77 7.16 -16.65
C VAL A 35 -15.70 6.99 -18.15
N ARG A 36 -16.86 7.12 -18.82
CA ARG A 36 -16.94 6.92 -20.26
C ARG A 36 -16.01 7.91 -20.97
N GLU A 37 -16.01 9.17 -20.54
CA GLU A 37 -15.24 10.22 -21.15
C GLU A 37 -13.78 9.89 -20.98
N GLU A 38 -13.37 9.41 -19.78
CA GLU A 38 -11.96 9.06 -19.60
C GLU A 38 -11.60 7.78 -20.35
N LEU A 39 -12.47 6.78 -20.43
CA LEU A 39 -12.13 5.53 -21.11
C LEU A 39 -12.08 5.78 -22.62
N GLU A 40 -13.00 6.59 -23.15
CA GLU A 40 -12.98 6.94 -24.56
C GLU A 40 -11.69 7.66 -24.90
N ARG A 41 -11.33 8.63 -24.06
CA ARG A 41 -10.08 9.35 -24.22
C ARG A 41 -8.93 8.35 -24.22
N LEU A 42 -8.86 7.42 -23.27
CA LEU A 42 -7.71 6.53 -23.25
C LEU A 42 -7.66 5.68 -24.52
N LYS A 43 -8.80 5.16 -25.01
CA LYS A 43 -8.85 4.36 -26.22
C LYS A 43 -8.41 5.17 -27.44
N ARG A 44 -8.81 6.45 -27.52
CA ARG A 44 -8.31 7.32 -28.57
C ARG A 44 -6.79 7.50 -28.48
N GLU A 45 -6.21 7.59 -27.27
CA GLU A 45 -4.79 7.87 -27.14
C GLU A 45 -3.95 6.58 -27.20
N GLY A 46 -4.59 5.41 -27.44
CA GLY A 46 -3.87 4.15 -27.49
C GLY A 46 -3.31 3.68 -26.14
N LEU A 47 -3.95 4.12 -25.04
CA LEU A 47 -3.50 3.89 -23.67
C LEU A 47 -4.40 2.90 -22.91
N TYR A 48 -5.54 2.48 -23.47
CA TYR A 48 -6.42 1.57 -22.76
C TYR A 48 -5.76 0.20 -22.65
N ILE A 49 -5.77 -0.40 -21.47
CA ILE A 49 -5.07 -1.66 -21.25
C ILE A 49 -6.04 -2.73 -20.82
N SER A 50 -5.76 -3.97 -21.24
CA SER A 50 -6.52 -5.16 -20.89
C SER A 50 -5.56 -6.24 -20.43
N PRO A 51 -5.18 -6.23 -19.13
CA PRO A 51 -4.10 -7.10 -18.70
C PRO A 51 -4.46 -8.56 -18.85
N LYS A 52 -3.44 -9.37 -18.96
CA LYS A 52 -3.57 -10.81 -19.02
C LYS A 52 -3.77 -11.40 -17.64
N VAL A 53 -4.45 -12.55 -17.59
CA VAL A 53 -4.66 -13.31 -16.35
C VAL A 53 -3.75 -14.55 -16.39
N LEU A 54 -2.82 -14.67 -15.47
CA LEU A 54 -1.96 -15.84 -15.40
C LEU A 54 -2.75 -16.96 -14.71
N GLU A 55 -2.60 -18.20 -15.25
CA GLU A 55 -3.40 -19.33 -14.83
C GLU A 55 -2.59 -20.43 -14.18
N ALA A 56 -1.30 -20.16 -13.94
CA ALA A 56 -0.44 -21.01 -13.17
C ALA A 56 0.47 -20.13 -12.33
N PRO A 57 1.34 -20.68 -11.45
CA PRO A 57 2.14 -19.85 -10.56
C PRO A 57 3.15 -18.97 -11.30
N GLN A 58 3.67 -18.00 -10.52
CA GLN A 58 4.67 -17.10 -11.01
C GLN A 58 6.00 -17.84 -11.15
N GLU A 59 6.28 -18.30 -12.37
CA GLU A 59 7.47 -19.07 -12.69
C GLU A 59 7.94 -18.65 -14.07
N PRO A 60 9.18 -19.05 -14.44
CA PRO A 60 9.67 -18.74 -15.78
C PRO A 60 8.92 -19.36 -16.94
N VAL A 61 8.18 -20.45 -16.68
CA VAL A 61 7.13 -20.96 -17.54
C VAL A 61 5.84 -20.84 -16.74
N THR A 62 4.81 -20.28 -17.38
CA THR A 62 3.50 -20.12 -16.76
C THR A 62 2.46 -20.35 -17.84
N ARG A 63 1.19 -20.12 -17.50
CA ARG A 63 0.06 -20.32 -18.40
C ARG A 63 -0.69 -19.03 -18.59
N VAL A 64 -0.91 -18.62 -19.85
CA VAL A 64 -1.73 -17.47 -20.20
C VAL A 64 -2.67 -17.93 -21.31
N GLU A 65 -3.96 -17.58 -21.13
CA GLU A 65 -4.93 -17.93 -22.21
C GLU A 65 -4.85 -19.39 -22.58
N GLY A 66 -4.70 -20.28 -21.58
CA GLY A 66 -4.81 -21.69 -21.82
C GLY A 66 -3.58 -22.32 -22.41
N ARG A 67 -2.45 -21.57 -22.44
CA ARG A 67 -1.27 -22.09 -23.09
C ARG A 67 -0.08 -21.92 -22.18
N GLU A 68 0.89 -22.86 -22.22
CA GLU A 68 2.14 -22.69 -21.57
C GLU A 68 2.98 -21.71 -22.36
N VAL A 69 3.66 -20.80 -21.59
CA VAL A 69 4.42 -19.75 -22.21
C VAL A 69 5.71 -19.53 -21.42
N VAL A 70 6.77 -19.14 -22.15
CA VAL A 70 7.96 -18.61 -21.51
C VAL A 70 7.63 -17.19 -21.02
N ASN A 71 7.80 -16.99 -19.71
CA ASN A 71 7.43 -15.76 -19.03
C ASN A 71 8.66 -14.94 -18.78
N LEU A 72 8.73 -13.81 -19.51
CA LEU A 72 9.79 -12.80 -19.32
C LEU A 72 9.16 -11.51 -18.85
N ALA A 73 7.96 -11.57 -18.25
CA ALA A 73 7.25 -10.33 -17.88
C ALA A 73 7.36 -9.97 -16.40
N SER A 74 7.73 -10.95 -15.53
CA SER A 74 7.62 -10.71 -14.11
C SER A 74 8.91 -10.16 -13.49
N ASN A 75 8.82 -9.82 -12.20
CA ASN A 75 9.97 -9.28 -11.50
C ASN A 75 10.63 -10.35 -10.61
N ASN A 76 10.41 -11.62 -10.90
CA ASN A 76 10.81 -12.74 -10.05
C ASN A 76 12.28 -13.14 -10.27
N TYR A 77 13.17 -12.20 -9.99
CA TYR A 77 14.57 -12.31 -10.38
C TYR A 77 15.25 -13.59 -9.93
N LEU A 78 14.96 -14.08 -8.75
CA LEU A 78 15.70 -15.19 -8.15
C LEU A 78 14.93 -16.50 -8.22
N GLY A 79 13.73 -16.53 -8.81
CA GLY A 79 12.96 -17.75 -8.84
C GLY A 79 12.31 -18.06 -7.50
N PHE A 80 12.10 -17.04 -6.64
CA PHE A 80 11.53 -17.29 -5.29
C PHE A 80 10.02 -17.34 -5.23
N ALA A 81 9.31 -16.79 -6.21
CA ALA A 81 7.88 -16.58 -6.04
C ALA A 81 7.09 -17.85 -5.82
N ASN A 82 7.55 -18.99 -6.36
CA ASN A 82 6.91 -20.28 -6.10
C ASN A 82 7.87 -21.32 -5.52
N HIS A 83 8.88 -20.86 -4.79
CA HIS A 83 9.93 -21.75 -4.25
C HIS A 83 9.44 -22.39 -2.96
N PRO A 84 9.56 -23.72 -2.83
CA PRO A 84 9.04 -24.42 -1.65
C PRO A 84 9.59 -23.94 -0.32
N TYR A 85 10.80 -23.39 -0.28
CA TYR A 85 11.44 -22.98 0.96
C TYR A 85 10.67 -21.76 1.50
N LEU A 86 10.37 -20.81 0.60
CA LEU A 86 9.59 -19.66 1.05
C LEU A 86 8.20 -20.07 1.46
N LYS A 87 7.61 -21.00 0.74
CA LYS A 87 6.25 -21.39 0.95
C LYS A 87 6.16 -22.07 2.33
N GLU A 88 7.18 -22.85 2.69
CA GLU A 88 7.17 -23.57 3.96
C GLU A 88 7.32 -22.61 5.14
N LYS A 89 8.19 -21.60 5.01
CA LYS A 89 8.35 -20.65 6.09
C LYS A 89 7.06 -19.83 6.21
N ALA A 90 6.50 -19.45 5.07
CA ALA A 90 5.18 -18.80 5.08
C ALA A 90 4.13 -19.61 5.84
N ARG A 91 4.08 -20.89 5.52
CA ARG A 91 3.11 -21.75 6.14
C ARG A 91 3.29 -21.83 7.67
N GLN A 92 4.53 -21.89 8.08
CA GLN A 92 4.86 -21.97 9.52
C GLN A 92 4.34 -20.74 10.25
N TYR A 93 4.56 -19.54 9.66
CA TYR A 93 4.17 -18.31 10.32
C TYR A 93 2.67 -18.14 10.26
N LEU A 94 2.02 -18.48 9.13
CA LEU A 94 0.57 -18.51 9.00
C LEU A 94 -0.09 -19.34 10.09
N GLU A 95 0.41 -20.59 10.24
CA GLU A 95 -0.17 -21.45 11.26
C GLU A 95 0.01 -20.91 12.68
N LYS A 96 1.18 -20.39 13.00
CA LYS A 96 1.50 -19.87 14.31
C LYS A 96 0.70 -18.63 14.68
N TRP A 97 0.64 -17.69 13.73
CA TRP A 97 0.21 -16.34 14.07
C TRP A 97 -1.13 -15.94 13.45
N GLY A 98 -1.49 -16.57 12.32
CA GLY A 98 -2.78 -16.30 11.74
C GLY A 98 -2.80 -15.57 10.37
N ALA A 99 -4.01 -15.14 10.02
CA ALA A 99 -4.26 -14.55 8.69
C ALA A 99 -4.04 -13.04 8.68
N GLY A 100 -4.11 -12.36 9.82
CA GLY A 100 -4.07 -10.91 9.82
C GLY A 100 -3.45 -10.36 11.08
N SER A 101 -2.83 -9.19 10.97
CA SER A 101 -2.27 -8.46 12.11
C SER A 101 -3.35 -7.68 12.84
N GLY A 102 -4.33 -7.20 12.10
CA GLY A 102 -5.42 -6.49 12.73
C GLY A 102 -5.22 -5.04 13.13
N ALA A 103 -4.08 -4.41 12.80
CA ALA A 103 -3.87 -3.03 13.17
C ALA A 103 -2.66 -2.45 12.45
N ALA A 104 -2.57 -1.09 12.48
CA ALA A 104 -1.34 -0.39 12.09
C ALA A 104 -0.24 -0.68 13.12
N ARG A 105 1.00 -0.59 12.62
CA ARG A 105 2.19 -0.88 13.44
C ARG A 105 2.20 -0.03 14.71
N THR A 106 1.68 1.18 14.64
CA THR A 106 1.83 2.14 15.74
C THR A 106 0.93 1.81 16.92
N ILE A 107 -0.19 1.15 16.66
CA ILE A 107 -1.18 0.89 17.69
C ILE A 107 -1.56 -0.58 17.70
N ALA A 108 -0.69 -1.45 18.18
CA ALA A 108 -1.09 -2.86 18.37
C ALA A 108 -1.09 -3.74 17.12
N GLY A 109 -0.39 -3.31 16.03
CA GLY A 109 -0.19 -4.10 14.85
C GLY A 109 1.28 -4.49 14.64
N THR A 110 2.14 -4.16 15.61
CA THR A 110 3.49 -4.70 15.57
C THR A 110 3.57 -5.98 16.36
N PHE A 111 3.98 -7.08 15.73
CA PHE A 111 4.15 -8.35 16.42
C PHE A 111 5.63 -8.72 16.34
N THR A 112 5.98 -9.76 17.14
CA THR A 112 7.37 -10.19 17.15
C THR A 112 7.93 -10.45 15.73
N TYR A 113 7.12 -11.03 14.83
CA TYR A 113 7.59 -11.40 13.51
C TYR A 113 7.94 -10.18 12.67
N HIS A 114 7.23 -9.05 12.84
CA HIS A 114 7.63 -7.84 12.15
C HIS A 114 9.07 -7.46 12.48
N VAL A 115 9.38 -7.44 13.80
CA VAL A 115 10.69 -7.05 14.28
C VAL A 115 11.75 -8.08 13.85
N GLU A 116 11.41 -9.34 13.84
CA GLU A 116 12.29 -10.39 13.36
C GLU A 116 12.75 -10.11 11.93
N LEU A 117 11.76 -9.78 11.06
CA LEU A 117 12.12 -9.45 9.69
C LEU A 117 12.98 -8.18 9.57
N GLU A 118 12.68 -7.14 10.33
CA GLU A 118 13.44 -5.90 10.28
C GLU A 118 14.90 -6.13 10.71
N GLU A 119 15.07 -6.97 11.71
CA GLU A 119 16.42 -7.28 12.17
C GLU A 119 17.16 -8.09 11.13
N ALA A 120 16.48 -9.05 10.53
CA ALA A 120 17.13 -9.84 9.49
C ALA A 120 17.50 -8.97 8.28
N LEU A 121 16.62 -8.05 7.89
CA LEU A 121 16.90 -7.18 6.77
C LEU A 121 18.09 -6.30 7.07
N ALA A 122 18.15 -5.69 8.25
CA ALA A 122 19.27 -4.83 8.62
C ALA A 122 20.57 -5.64 8.57
N ARG A 123 20.55 -6.86 9.08
CA ARG A 123 21.77 -7.67 9.06
C ARG A 123 22.22 -7.92 7.62
N PHE A 124 21.28 -8.23 6.75
CA PHE A 124 21.57 -8.54 5.37
C PHE A 124 22.12 -7.33 4.67
N LYS A 125 21.50 -6.17 4.90
CA LYS A 125 21.85 -4.95 4.20
C LYS A 125 23.13 -4.38 4.73
N GLY A 126 23.51 -4.74 5.97
CA GLY A 126 24.69 -4.18 6.59
C GLY A 126 24.44 -2.81 7.23
N THR A 127 23.20 -2.50 7.64
CA THR A 127 22.83 -1.21 8.20
C THR A 127 22.48 -1.42 9.65
N GLU A 128 22.42 -0.38 10.52
CA GLU A 128 22.09 -0.63 11.92
C GLU A 128 20.65 -1.10 12.07
N SER A 129 19.81 -0.66 11.15
CA SER A 129 18.37 -0.86 11.32
C SER A 129 17.67 -0.89 9.95
N ALA A 130 16.41 -1.34 10.01
CA ALA A 130 15.58 -1.47 8.82
C ALA A 130 14.13 -1.35 9.27
N LEU A 131 13.28 -0.77 8.37
CA LEU A 131 11.87 -0.62 8.69
C LEU A 131 11.06 -1.00 7.47
N VAL A 132 10.05 -1.85 7.66
CA VAL A 132 9.23 -2.31 6.54
C VAL A 132 7.95 -1.51 6.49
N LEU A 133 7.57 -1.12 5.27
CA LEU A 133 6.35 -0.38 4.97
C LEU A 133 5.53 -1.23 3.99
N GLN A 134 4.29 -0.78 3.71
CA GLN A 134 3.26 -1.59 3.00
CA GLN A 134 3.31 -1.68 3.11
C GLN A 134 3.59 -1.97 1.63
N SER A 135 4.45 -1.21 0.95
CA SER A 135 4.84 -1.46 -0.43
C SER A 135 6.10 -0.61 -0.73
N GLY A 136 6.77 -0.90 -1.85
CA GLY A 136 7.74 0.06 -2.39
C GLY A 136 7.12 1.38 -2.76
N PHE A 137 5.90 1.30 -3.32
CA PHE A 137 5.17 2.51 -3.66
C PHE A 137 4.98 3.42 -2.45
N THR A 138 4.51 2.86 -1.34
CA THR A 138 4.25 3.65 -0.13
C THR A 138 5.51 3.91 0.64
N ALA A 139 6.54 3.11 0.48
CA ALA A 139 7.78 3.37 1.20
C ALA A 139 8.33 4.72 0.72
N ASN A 140 8.27 4.97 -0.59
CA ASN A 140 8.77 6.21 -1.11
C ASN A 140 7.99 7.38 -0.54
N GLN A 141 6.65 7.26 -0.53
CA GLN A 141 5.85 8.32 0.04
C GLN A 141 6.22 8.57 1.48
N GLY A 142 6.33 7.50 2.24
CA GLY A 142 6.54 7.63 3.67
C GLY A 142 7.91 8.19 4.02
N VAL A 143 8.95 7.69 3.39
CA VAL A 143 10.31 8.11 3.69
C VAL A 143 10.57 9.53 3.20
N LEU A 144 10.22 9.83 1.96
CA LEU A 144 10.37 11.19 1.48
C LEU A 144 9.57 12.16 2.33
N GLY A 145 8.32 11.80 2.72
CA GLY A 145 7.48 12.68 3.50
C GLY A 145 8.02 12.90 4.90
N ALA A 146 8.63 11.88 5.50
CA ALA A 146 9.20 12.05 6.82
C ALA A 146 10.44 12.93 6.77
N LEU A 147 11.25 12.83 5.73
CA LEU A 147 12.56 13.51 5.67
C LEU A 147 12.42 14.98 5.30
N LEU A 148 11.49 15.32 4.40
CA LEU A 148 11.49 16.62 3.73
C LEU A 148 10.55 17.59 4.41
N LYS A 149 10.92 18.88 4.30
CA LYS A 149 10.22 19.99 4.94
C LYS A 149 10.30 21.18 4.00
N GLU A 150 9.39 22.14 4.21
CA GLU A 150 9.41 23.40 3.48
C GLU A 150 10.80 24.06 3.56
N GLY A 151 11.28 24.49 2.41
CA GLY A 151 12.56 25.16 2.25
C GLY A 151 13.72 24.22 1.91
N ASP A 152 13.48 22.90 2.00
CA ASP A 152 14.44 21.94 1.47
C ASP A 152 14.46 21.96 -0.05
N VAL A 153 15.55 21.44 -0.63
CA VAL A 153 15.67 21.35 -2.06
C VAL A 153 15.95 19.90 -2.43
N VAL A 154 15.19 19.41 -3.43
CA VAL A 154 15.35 18.07 -3.95
C VAL A 154 15.81 18.16 -5.39
N PHE A 155 16.73 17.25 -5.71
CA PHE A 155 17.24 17.12 -7.04
C PHE A 155 16.88 15.70 -7.49
N SER A 156 15.93 15.62 -8.42
CA SER A 156 15.35 14.34 -8.83
CA SER A 156 15.37 14.34 -8.86
C SER A 156 15.82 13.99 -10.25
N ASP A 157 16.25 12.73 -10.48
CA ASP A 157 16.53 12.25 -11.81
C ASP A 157 15.24 12.29 -12.64
N GLU A 158 15.34 12.81 -13.86
CA GLU A 158 14.27 12.93 -14.83
C GLU A 158 13.39 11.67 -14.95
N LEU A 159 13.99 10.50 -14.78
CA LEU A 159 13.30 9.24 -15.09
C LEU A 159 12.87 8.48 -13.83
N ASN A 160 12.85 9.14 -12.69
CA ASN A 160 12.51 8.53 -11.41
C ASN A 160 11.09 7.92 -11.51
N HIS A 161 10.92 6.86 -10.72
CA HIS A 161 9.65 6.15 -10.67
C HIS A 161 8.51 7.08 -10.30
N ALA A 162 7.28 6.71 -10.74
CA ALA A 162 6.08 7.39 -10.36
C ALA A 162 5.85 7.48 -8.87
N SER A 163 6.21 6.45 -8.08
CA SER A 163 6.02 6.52 -6.66
C SER A 163 6.91 7.57 -5.97
N ILE A 164 8.08 7.84 -6.55
CA ILE A 164 8.94 8.92 -6.07
C ILE A 164 8.23 10.24 -6.35
N ILE A 165 7.71 10.36 -7.55
CA ILE A 165 7.01 11.62 -7.91
C ILE A 165 5.86 11.92 -6.97
N ASP A 166 5.01 10.90 -6.68
CA ASP A 166 3.92 11.12 -5.78
C ASP A 166 4.39 11.44 -4.36
N GLY A 167 5.51 10.80 -3.91
CA GLY A 167 6.02 11.08 -2.59
C GLY A 167 6.48 12.54 -2.49
N LEU A 168 7.15 13.03 -3.54
CA LEU A 168 7.65 14.40 -3.51
C LEU A 168 6.53 15.42 -3.54
N ARG A 169 5.50 15.11 -4.33
CA ARG A 169 4.33 16.00 -4.47
C ARG A 169 3.56 16.19 -3.16
N LEU A 170 3.67 15.23 -2.21
CA LEU A 170 3.03 15.42 -0.94
C LEU A 170 3.88 16.24 0.00
N THR A 171 5.12 16.60 -0.40
CA THR A 171 5.96 17.41 0.50
C THR A 171 5.90 18.87 0.10
N LYS A 172 6.49 19.71 0.96
CA LYS A 172 6.61 21.14 0.66
C LYS A 172 8.00 21.52 0.21
N ALA A 173 8.82 20.53 -0.19
CA ALA A 173 10.15 20.84 -0.67
C ALA A 173 10.14 21.44 -2.07
N THR A 174 11.18 22.25 -2.35
CA THR A 174 11.45 22.76 -3.68
C THR A 174 12.07 21.63 -4.51
N ARG A 175 11.47 21.37 -5.67
CA ARG A 175 11.80 20.23 -6.48
C ARG A 175 12.44 20.65 -7.79
N LEU A 176 13.65 20.18 -8.03
CA LEU A 176 14.37 20.38 -9.26
C LEU A 176 14.59 19.03 -9.93
N VAL A 177 14.59 19.05 -11.26
CA VAL A 177 14.80 17.84 -12.03
C VAL A 177 16.10 17.94 -12.81
N PHE A 178 16.97 16.92 -12.70
CA PHE A 178 18.18 16.83 -13.48
C PHE A 178 18.01 15.83 -14.59
N ARG A 179 18.60 16.17 -15.74
CA ARG A 179 18.58 15.27 -16.89
C ARG A 179 19.12 13.91 -16.46
N HIS A 180 18.52 12.87 -17.06
CA HIS A 180 18.77 11.49 -16.61
C HIS A 180 20.25 11.20 -16.53
N ALA A 181 20.71 10.77 -15.37
CA ALA A 181 22.05 10.32 -15.09
C ALA A 181 23.10 11.37 -15.49
N ASP A 182 22.71 12.61 -15.60
CA ASP A 182 23.61 13.65 -16.09
C ASP A 182 24.19 14.39 -14.89
N VAL A 183 25.39 13.99 -14.47
CA VAL A 183 26.01 14.48 -13.26
C VAL A 183 26.56 15.91 -13.50
N ALA A 184 26.78 16.28 -14.76
CA ALA A 184 27.14 17.65 -15.08
C ALA A 184 25.98 18.58 -14.81
N HIS A 185 24.77 18.15 -15.23
CA HIS A 185 23.58 18.94 -14.99
C HIS A 185 23.33 19.04 -13.48
N LEU A 186 23.40 17.90 -12.79
CA LEU A 186 23.16 17.88 -11.35
C LEU A 186 24.10 18.88 -10.63
N GLU A 187 25.37 18.91 -11.04
CA GLU A 187 26.30 19.85 -10.42
C GLU A 187 25.93 21.31 -10.72
N GLU A 188 25.43 21.60 -11.91
CA GLU A 188 24.97 22.92 -12.24
C GLU A 188 23.84 23.34 -11.33
N LEU A 189 22.89 22.41 -11.06
CA LEU A 189 21.78 22.74 -10.17
C LEU A 189 22.27 22.87 -8.72
N LEU A 190 23.20 22.04 -8.29
CA LEU A 190 23.66 22.09 -6.93
C LEU A 190 24.37 23.42 -6.68
N LYS A 191 25.07 23.91 -7.69
CA LYS A 191 25.69 25.24 -7.59
C LYS A 191 24.65 26.35 -7.51
N ALA A 192 23.55 26.26 -8.26
CA ALA A 192 22.62 27.35 -8.36
C ALA A 192 21.60 27.34 -7.23
N HIS A 193 21.38 26.22 -6.51
CA HIS A 193 20.23 26.14 -5.62
C HIS A 193 20.63 25.65 -4.22
N ASP A 194 20.65 26.59 -3.28
CA ASP A 194 21.19 26.28 -1.96
C ASP A 194 20.07 26.32 -0.94
N THR A 195 20.34 25.78 0.26
CA THR A 195 19.40 25.84 1.34
C THR A 195 20.14 25.65 2.65
N ASP A 196 19.51 26.14 3.70
CA ASP A 196 19.97 25.90 5.07
C ASP A 196 19.34 24.63 5.64
N GLY A 197 18.37 24.04 4.93
CA GLY A 197 17.82 22.80 5.43
C GLY A 197 18.47 21.61 4.75
N LEU A 198 17.60 20.72 4.20
CA LEU A 198 18.11 19.50 3.64
C LEU A 198 18.19 19.60 2.12
N LYS A 199 19.31 19.13 1.55
CA LYS A 199 19.43 18.92 0.12
C LYS A 199 19.37 17.43 -0.10
N LEU A 200 18.41 16.98 -0.91
CA LEU A 200 18.24 15.56 -1.15
C LEU A 200 18.29 15.26 -2.64
N ILE A 201 19.26 14.46 -3.02
CA ILE A 201 19.39 13.99 -4.39
C ILE A 201 18.69 12.63 -4.46
N VAL A 202 17.67 12.57 -5.33
CA VAL A 202 16.78 11.40 -5.36
C VAL A 202 16.90 10.67 -6.68
N THR A 203 17.13 9.34 -6.60
CA THR A 203 17.27 8.53 -7.78
C THR A 203 16.75 7.12 -7.56
N ASP A 204 16.20 6.55 -8.64
CA ASP A 204 16.15 5.10 -8.71
C ASP A 204 17.55 4.55 -8.65
N GLY A 205 17.72 3.39 -8.02
CA GLY A 205 19.00 2.70 -8.10
C GLY A 205 19.23 2.02 -9.45
N VAL A 206 18.22 1.23 -9.84
CA VAL A 206 18.06 0.67 -11.17
C VAL A 206 16.75 1.19 -11.73
N PHE A 207 16.84 1.82 -12.92
CA PHE A 207 15.66 2.37 -13.57
C PHE A 207 14.82 1.25 -14.18
N SER A 208 13.54 1.23 -13.76
CA SER A 208 12.60 0.16 -14.05
C SER A 208 12.44 -0.12 -15.53
N MET A 209 12.43 0.90 -16.40
CA MET A 209 12.16 0.68 -17.77
C MET A 209 13.40 0.45 -18.64
N ASP A 210 14.46 1.21 -18.50
CA ASP A 210 15.63 1.04 -19.33
C ASP A 210 16.67 0.10 -18.73
N GLY A 211 16.58 -0.26 -17.43
CA GLY A 211 17.48 -1.22 -16.91
C GLY A 211 18.91 -0.70 -16.72
N ASP A 212 19.06 0.62 -16.64
CA ASP A 212 20.38 1.15 -16.29
C ASP A 212 20.54 1.45 -14.78
N ILE A 213 21.80 1.66 -14.36
CA ILE A 213 22.18 1.83 -12.96
C ILE A 213 22.53 3.29 -12.69
N ALA A 214 21.96 3.85 -11.65
CA ALA A 214 22.28 5.21 -11.23
C ALA A 214 23.79 5.30 -10.96
N PRO A 215 24.42 6.41 -11.42
CA PRO A 215 25.90 6.47 -11.30
C PRO A 215 26.29 6.94 -9.91
N LEU A 216 26.10 6.11 -8.88
CA LEU A 216 26.29 6.55 -7.51
C LEU A 216 27.78 6.81 -7.25
N ASP A 217 28.64 6.15 -8.02
CA ASP A 217 30.07 6.39 -7.90
C ASP A 217 30.40 7.85 -8.15
N LYS A 218 29.62 8.55 -8.97
CA LYS A 218 29.76 9.97 -9.19
C LYS A 218 28.79 10.79 -8.36
N ILE A 219 27.56 10.28 -8.15
CA ILE A 219 26.62 11.14 -7.49
C ILE A 219 27.04 11.35 -6.03
N VAL A 220 27.49 10.32 -5.34
CA VAL A 220 27.68 10.39 -3.91
C VAL A 220 28.87 11.31 -3.59
N PRO A 221 30.04 11.21 -4.27
CA PRO A 221 31.06 12.24 -4.07
C PRO A 221 30.61 13.68 -4.35
N LEU A 222 29.80 13.87 -5.41
CA LEU A 222 29.25 15.15 -5.72
C LEU A 222 28.41 15.64 -4.52
N ALA A 223 27.65 14.71 -3.92
CA ALA A 223 26.78 15.05 -2.82
C ALA A 223 27.62 15.65 -1.69
N LYS A 224 28.75 15.01 -1.38
CA LYS A 224 29.59 15.47 -0.28
C LYS A 224 30.14 16.86 -0.55
N LYS A 225 30.52 17.10 -1.81
CA LYS A 225 31.03 18.39 -2.19
C LYS A 225 30.01 19.50 -1.96
N TYR A 226 28.70 19.24 -2.06
CA TYR A 226 27.69 20.26 -1.88
C TYR A 226 26.80 20.02 -0.63
N LYS A 227 27.21 19.09 0.23
CA LYS A 227 26.60 18.74 1.50
C LYS A 227 25.13 18.32 1.32
N ALA A 228 24.95 17.40 0.40
CA ALA A 228 23.66 16.80 0.10
C ALA A 228 23.63 15.36 0.58
N VAL A 229 22.41 14.97 0.91
CA VAL A 229 22.07 13.60 1.21
C VAL A 229 21.56 12.92 -0.09
N VAL A 230 21.88 11.63 -0.25
CA VAL A 230 21.44 10.88 -1.42
C VAL A 230 20.40 9.84 -0.99
N TYR A 231 19.29 9.81 -1.76
CA TYR A 231 18.22 8.84 -1.55
C TYR A 231 18.07 7.93 -2.79
N VAL A 232 18.13 6.65 -2.52
CA VAL A 232 18.12 5.64 -3.59
C VAL A 232 16.93 4.70 -3.40
N ASP A 233 16.05 4.65 -4.41
CA ASP A 233 14.99 3.67 -4.43
C ASP A 233 15.47 2.46 -5.25
N ASP A 234 15.93 1.42 -4.55
CA ASP A 234 16.62 0.32 -5.19
C ASP A 234 15.72 -0.90 -5.42
N ALA A 235 14.44 -0.65 -5.72
CA ALA A 235 13.50 -1.72 -6.05
C ALA A 235 14.06 -2.77 -6.96
N HIS A 236 14.74 -2.39 -8.04
CA HIS A 236 15.21 -3.36 -9.04
C HIS A 236 16.69 -3.68 -8.89
N GLY A 237 17.32 -3.17 -7.79
CA GLY A 237 18.67 -3.61 -7.48
C GLY A 237 18.77 -4.61 -6.34
N SER A 238 17.77 -4.64 -5.47
CA SER A 238 17.71 -5.55 -4.34
C SER A 238 17.61 -6.98 -4.89
N GLY A 239 18.56 -7.82 -4.48
CA GLY A 239 18.58 -9.18 -4.89
C GLY A 239 19.20 -9.38 -6.23
N VAL A 240 19.80 -8.31 -6.80
CA VAL A 240 20.32 -8.29 -8.15
C VAL A 240 21.77 -7.80 -8.17
N LEU A 241 22.03 -6.54 -7.72
CA LEU A 241 23.34 -5.97 -7.65
C LEU A 241 23.92 -6.20 -6.26
N GLY A 242 25.25 -6.04 -6.20
CA GLY A 242 26.01 -6.24 -4.97
C GLY A 242 26.22 -7.70 -4.59
N GLU A 243 27.14 -7.87 -3.60
CA GLU A 243 27.44 -9.16 -3.01
C GLU A 243 26.15 -9.78 -2.53
N LYS A 244 25.84 -11.00 -2.98
CA LYS A 244 24.64 -11.74 -2.62
C LYS A 244 23.35 -10.93 -2.75
N GLY A 245 23.33 -9.99 -3.69
CA GLY A 245 22.12 -9.24 -3.96
C GLY A 245 21.82 -8.16 -2.93
N LYS A 246 22.87 -7.69 -2.26
CA LYS A 246 22.62 -6.71 -1.19
C LYS A 246 22.25 -5.34 -1.72
N GLY A 247 22.40 -5.11 -3.03
CA GLY A 247 21.87 -3.92 -3.68
C GLY A 247 22.90 -2.97 -4.24
N THR A 248 22.41 -1.96 -4.94
CA THR A 248 23.15 -0.98 -5.69
C THR A 248 24.07 -0.22 -4.71
N VAL A 249 23.52 0.21 -3.58
CA VAL A 249 24.28 1.03 -2.65
C VAL A 249 25.48 0.23 -2.11
N HIS A 250 25.24 -1.05 -1.84
CA HIS A 250 26.26 -1.98 -1.35
C HIS A 250 27.27 -2.22 -2.47
N HIS A 251 26.77 -2.35 -3.70
CA HIS A 251 27.61 -2.56 -4.85
C HIS A 251 28.61 -1.43 -5.01
N PHE A 252 28.19 -0.16 -4.87
CA PHE A 252 29.11 0.95 -4.97
C PHE A 252 29.86 1.25 -3.65
N GLY A 253 29.62 0.48 -2.60
CA GLY A 253 30.38 0.56 -1.33
C GLY A 253 29.93 1.64 -0.33
N PHE A 254 28.65 2.05 -0.38
CA PHE A 254 28.18 3.18 0.39
C PHE A 254 27.16 2.76 1.47
N HIS A 255 27.00 1.48 1.78
CA HIS A 255 25.91 1.03 2.63
C HIS A 255 26.01 1.44 4.10
N GLN A 256 27.20 1.82 4.56
CA GLN A 256 27.34 2.37 5.91
C GLN A 256 27.35 3.90 5.95
N ASP A 257 27.27 4.59 4.82
CA ASP A 257 27.26 6.05 4.83
C ASP A 257 25.93 6.54 5.38
N PRO A 258 25.88 7.32 6.49
CA PRO A 258 24.59 7.77 7.02
C PRO A 258 23.92 8.84 6.16
N ASP A 259 24.62 9.41 5.16
CA ASP A 259 24.03 10.40 4.25
C ASP A 259 23.62 9.76 2.91
N VAL A 260 23.46 8.43 2.95
CA VAL A 260 22.83 7.66 1.90
C VAL A 260 21.63 6.95 2.51
N VAL A 261 20.44 7.24 1.97
CA VAL A 261 19.22 6.63 2.43
C VAL A 261 18.84 5.55 1.42
N GLN A 262 18.64 4.37 1.95
CA GLN A 262 18.38 3.20 1.15
C GLN A 262 16.94 2.78 1.35
N VAL A 263 16.19 2.88 0.30
CA VAL A 263 14.85 2.33 0.16
C VAL A 263 14.93 1.23 -0.88
N ALA A 264 14.06 0.22 -0.72
CA ALA A 264 13.89 -0.81 -1.73
C ALA A 264 12.63 -1.59 -1.42
N THR A 265 12.36 -2.63 -2.21
CA THR A 265 11.09 -3.31 -2.19
C THR A 265 11.30 -4.81 -1.94
N LEU A 266 10.24 -5.45 -1.43
CA LEU A 266 10.29 -6.85 -1.06
C LEU A 266 9.45 -7.68 -2.02
N SER A 267 9.04 -7.02 -3.11
CA SER A 267 8.04 -7.57 -4.02
C SER A 267 8.63 -8.16 -5.31
N LYS A 268 9.93 -8.14 -5.52
CA LYS A 268 10.54 -8.46 -6.81
C LYS A 268 11.44 -9.68 -6.59
N ALA A 269 12.77 -9.47 -6.44
CA ALA A 269 13.63 -10.57 -6.07
C ALA A 269 13.09 -11.35 -4.88
N TRP A 270 12.73 -10.61 -3.82
CA TRP A 270 12.32 -11.27 -2.58
C TRP A 270 10.91 -11.85 -2.66
N ALA A 271 10.16 -11.53 -3.74
CA ALA A 271 8.99 -12.25 -4.19
C ALA A 271 7.85 -12.28 -3.17
N GLY A 272 7.64 -11.18 -2.50
CA GLY A 272 6.48 -11.01 -1.63
C GLY A 272 5.75 -9.71 -1.90
N ILE A 273 5.54 -8.90 -0.86
CA ILE A 273 5.07 -7.53 -0.97
C ILE A 273 5.71 -6.76 0.16
N GLY A 274 5.66 -5.43 0.05
CA GLY A 274 6.33 -4.55 0.98
C GLY A 274 7.48 -3.73 0.40
N GLY A 275 7.85 -2.69 1.14
CA GLY A 275 8.94 -1.83 0.85
C GLY A 275 9.73 -1.69 2.16
N TYR A 276 10.97 -1.27 2.08
CA TYR A 276 11.71 -1.08 3.33
C TYR A 276 12.66 0.09 3.19
N ALA A 277 13.01 0.69 4.31
CA ALA A 277 14.15 1.60 4.47
C ALA A 277 15.21 0.98 5.33
N ALA A 278 16.54 1.21 5.09
CA ALA A 278 17.58 0.63 5.94
C ALA A 278 18.63 1.68 6.43
N GLY A 279 19.00 1.80 7.72
CA GLY A 279 19.98 2.81 8.22
C GLY A 279 20.08 2.83 9.71
N ALA A 280 20.13 4.07 10.32
CA ALA A 280 20.43 4.25 11.73
C ALA A 280 19.17 4.00 12.54
N ARG A 281 19.32 3.47 13.76
CA ARG A 281 18.19 3.37 14.68
C ARG A 281 17.39 4.67 14.70
N GLU A 282 18.08 5.83 14.64
CA GLU A 282 17.33 7.08 14.72
C GLU A 282 16.51 7.37 13.46
N LEU A 283 17.01 7.09 12.24
CA LEU A 283 16.17 7.17 11.05
C LEU A 283 14.90 6.28 11.13
N LYS A 284 15.09 5.05 11.59
CA LYS A 284 13.97 4.14 11.79
C LYS A 284 12.96 4.78 12.72
N ASP A 285 13.45 5.38 13.80
CA ASP A 285 12.58 6.04 14.75
C ASP A 285 11.85 7.23 14.09
N LEU A 286 12.51 8.00 13.26
CA LEU A 286 11.80 9.06 12.56
C LEU A 286 10.64 8.53 11.71
N LEU A 287 10.89 7.43 10.96
CA LEU A 287 9.88 6.88 10.08
C LEU A 287 8.73 6.35 10.91
N ILE A 288 9.00 5.66 12.03
CA ILE A 288 7.94 5.16 12.87
C ILE A 288 7.05 6.29 13.33
N ASN A 289 7.63 7.45 13.60
CA ASN A 289 6.89 8.58 14.11
C ASN A 289 6.17 9.40 13.05
N LYS A 290 6.67 9.39 11.82
CA LYS A 290 6.29 10.36 10.81
C LYS A 290 5.76 9.83 9.49
N ALA A 291 6.15 8.60 9.07
CA ALA A 291 5.78 8.17 7.72
C ALA A 291 4.27 7.86 7.66
N ARG A 292 3.52 8.57 6.82
CA ARG A 292 2.08 8.48 6.90
C ARG A 292 1.57 7.11 6.49
N PRO A 293 2.14 6.42 5.49
CA PRO A 293 1.64 5.06 5.26
C PRO A 293 1.96 4.06 6.36
N PHE A 294 2.92 4.38 7.24
CA PHE A 294 3.18 3.57 8.41
C PHE A 294 2.22 3.88 9.55
N LEU A 295 1.94 5.19 9.75
CA LEU A 295 1.00 5.58 10.79
C LEU A 295 -0.43 5.13 10.48
N PHE A 296 -0.80 5.08 9.21
CA PHE A 296 -2.20 5.03 8.79
C PHE A 296 -2.53 3.85 7.86
N SER A 297 -1.85 2.72 8.04
CA SER A 297 -2.15 1.55 7.24
C SER A 297 -1.74 0.30 8.01
N THR A 298 -2.44 -0.82 7.76
CA THR A 298 -2.25 -2.05 8.51
C THR A 298 -0.89 -2.72 8.20
N SER A 299 -0.29 -3.32 9.21
CA SER A 299 0.94 -4.08 9.03
C SER A 299 0.68 -5.37 8.25
N HIS A 300 1.75 -5.89 7.69
CA HIS A 300 1.68 -7.09 6.89
C HIS A 300 1.43 -8.34 7.71
N PRO A 301 0.76 -9.33 7.10
CA PRO A 301 0.28 -10.52 7.83
C PRO A 301 1.40 -11.54 7.94
N PRO A 302 1.25 -12.48 8.88
CA PRO A 302 2.28 -13.49 9.05
C PRO A 302 2.80 -14.27 7.84
N ALA A 303 1.92 -14.68 6.92
CA ALA A 303 2.37 -15.47 5.78
C ALA A 303 3.33 -14.67 4.92
N VAL A 304 3.08 -13.35 4.81
CA VAL A 304 3.94 -12.47 4.04
C VAL A 304 5.30 -12.36 4.69
N VAL A 305 5.30 -12.07 5.99
CA VAL A 305 6.55 -11.92 6.71
C VAL A 305 7.36 -13.23 6.74
N GLY A 306 6.69 -14.35 6.98
CA GLY A 306 7.40 -15.63 7.02
C GLY A 306 8.04 -15.94 5.66
N ALA A 307 7.34 -15.66 4.54
CA ALA A 307 7.96 -15.87 3.24
C ALA A 307 9.22 -15.06 3.07
N LEU A 308 9.22 -13.77 3.53
CA LEU A 308 10.36 -12.91 3.33
C LEU A 308 11.50 -13.33 4.22
N LEU A 309 11.18 -13.77 5.47
CA LEU A 309 12.28 -14.39 6.26
C LEU A 309 12.89 -15.59 5.54
N GLY A 310 12.04 -16.38 4.93
CA GLY A 310 12.48 -17.49 4.10
C GLY A 310 13.39 -17.05 2.96
N ALA A 311 12.98 -15.98 2.24
CA ALA A 311 13.76 -15.48 1.13
C ALA A 311 15.18 -15.13 1.56
N LEU A 312 15.33 -14.40 2.68
CA LEU A 312 16.65 -13.97 3.14
C LEU A 312 17.49 -15.19 3.57
N GLU A 313 16.85 -16.17 4.18
CA GLU A 313 17.57 -17.42 4.49
C GLU A 313 17.99 -18.15 3.23
N LEU A 314 17.13 -18.19 2.21
CA LEU A 314 17.44 -18.97 1.01
C LEU A 314 18.56 -18.31 0.23
N ILE A 315 18.65 -16.96 0.13
CA ILE A 315 19.71 -16.39 -0.68
C ILE A 315 21.06 -16.59 0.02
N GLU A 316 21.04 -16.72 1.35
CA GLU A 316 22.29 -17.06 2.05
C GLU A 316 22.67 -18.52 1.76
N LYS A 317 21.72 -19.42 1.67
CA LYS A 317 21.95 -20.81 1.33
C LYS A 317 22.36 -21.01 -0.13
N GLU A 318 21.79 -20.22 -1.07
CA GLU A 318 21.93 -20.43 -2.50
C GLU A 318 22.34 -19.13 -3.17
N PRO A 319 23.48 -18.53 -2.77
CA PRO A 319 23.92 -17.26 -3.32
C PRO A 319 24.29 -17.36 -4.81
N GLU A 320 24.51 -18.58 -5.28
CA GLU A 320 24.83 -18.80 -6.70
C GLU A 320 23.64 -18.49 -7.62
N ARG A 321 22.44 -18.37 -7.07
CA ARG A 321 21.32 -17.87 -7.87
C ARG A 321 21.65 -16.53 -8.53
N VAL A 322 22.30 -15.63 -7.80
CA VAL A 322 22.61 -14.32 -8.33
C VAL A 322 23.56 -14.50 -9.52
N GLU A 323 24.59 -15.32 -9.39
CA GLU A 323 25.50 -15.60 -10.50
C GLU A 323 24.71 -16.12 -11.71
N ARG A 324 23.82 -17.08 -11.52
CA ARG A 324 23.03 -17.67 -12.60
C ARG A 324 22.20 -16.58 -13.29
N LEU A 325 21.61 -15.70 -12.46
CA LEU A 325 20.83 -14.57 -13.00
C LEU A 325 21.64 -13.78 -14.00
N TRP A 326 22.90 -13.45 -13.61
CA TRP A 326 23.73 -12.61 -14.45
C TRP A 326 24.27 -13.34 -15.67
N GLU A 327 24.60 -14.63 -15.52
CA GLU A 327 24.94 -15.47 -16.67
C GLU A 327 23.80 -15.48 -17.72
N ASN A 328 22.58 -15.73 -17.21
CA ASN A 328 21.42 -15.75 -18.08
C ASN A 328 21.25 -14.42 -18.80
N THR A 329 21.43 -13.33 -18.06
CA THR A 329 21.28 -11.98 -18.54
C THR A 329 22.27 -11.69 -19.66
N ARG A 330 23.58 -11.93 -19.40
CA ARG A 330 24.55 -11.64 -20.42
C ARG A 330 24.30 -12.43 -21.69
N TYR A 331 23.89 -13.70 -21.55
CA TYR A 331 23.58 -14.52 -22.70
C TYR A 331 22.44 -13.92 -23.53
N PHE A 332 21.32 -13.63 -22.84
CA PHE A 332 20.15 -13.15 -23.55
C PHE A 332 20.44 -11.84 -24.27
N LYS A 333 21.10 -10.89 -23.59
CA LYS A 333 21.41 -9.62 -24.19
C LYS A 333 22.33 -9.79 -25.42
N ARG A 334 23.34 -10.68 -25.31
CA ARG A 334 24.26 -10.84 -26.43
C ARG A 334 23.55 -11.43 -27.65
N GLU A 335 22.64 -12.37 -27.42
CA GLU A 335 21.95 -13.02 -28.52
C GLU A 335 20.92 -12.08 -29.15
N LEU A 336 20.27 -11.22 -28.32
CA LEU A 336 19.38 -10.22 -28.93
C LEU A 336 20.19 -9.27 -29.83
N ALA A 337 21.38 -8.85 -29.34
CA ALA A 337 22.18 -7.94 -30.15
C ALA A 337 22.60 -8.62 -31.46
N ARG A 338 22.86 -9.91 -31.41
CA ARG A 338 23.30 -10.63 -32.60
C ARG A 338 22.17 -10.70 -33.61
N LEU A 339 20.91 -10.69 -33.16
CA LEU A 339 19.78 -10.67 -34.08
C LEU A 339 19.60 -9.30 -34.74
N GLY A 340 20.12 -8.25 -34.08
CA GLY A 340 19.96 -6.89 -34.56
C GLY A 340 19.12 -6.00 -33.68
N TYR A 341 18.71 -6.48 -32.51
CA TYR A 341 17.90 -5.66 -31.65
C TYR A 341 18.74 -4.77 -30.77
N ASP A 342 18.07 -3.75 -30.31
CA ASP A 342 18.60 -2.72 -29.46
C ASP A 342 18.02 -2.87 -28.06
N THR A 343 18.91 -3.13 -27.07
CA THR A 343 18.46 -3.28 -25.70
C THR A 343 18.75 -2.05 -24.86
N LEU A 344 19.01 -0.91 -25.54
CA LEU A 344 18.94 0.45 -24.94
C LEU A 344 20.02 0.68 -23.88
N GLY A 345 21.12 -0.04 -23.96
CA GLY A 345 22.20 0.15 -23.01
C GLY A 345 21.88 -0.46 -21.65
N SER A 346 20.80 -1.25 -21.59
CA SER A 346 20.44 -1.86 -20.30
C SER A 346 21.64 -2.59 -19.69
N GLN A 347 21.74 -2.56 -18.36
CA GLN A 347 22.88 -3.10 -17.65
C GLN A 347 22.48 -4.24 -16.71
N THR A 348 21.19 -4.37 -16.41
CA THR A 348 20.75 -5.36 -15.41
C THR A 348 19.93 -6.43 -16.14
N PRO A 349 19.30 -7.39 -15.40
CA PRO A 349 18.41 -8.38 -16.10
C PRO A 349 17.23 -7.75 -16.80
N ILE A 350 16.90 -6.49 -16.48
CA ILE A 350 15.92 -5.74 -17.23
C ILE A 350 16.47 -5.53 -18.61
N THR A 351 15.85 -6.18 -19.59
CA THR A 351 16.35 -6.22 -20.96
C THR A 351 15.24 -5.72 -21.89
N PRO A 352 15.09 -4.42 -22.08
CA PRO A 352 14.10 -3.88 -23.03
C PRO A 352 14.58 -4.19 -24.44
N VAL A 353 13.61 -4.42 -25.31
CA VAL A 353 13.84 -4.55 -26.74
C VAL A 353 13.07 -3.44 -27.39
N LEU A 354 13.83 -2.56 -28.11
CA LEU A 354 13.24 -1.37 -28.71
C LEU A 354 12.40 -1.72 -29.93
N PHE A 355 11.20 -1.17 -29.99
CA PHE A 355 10.37 -1.30 -31.18
C PHE A 355 10.01 0.07 -31.77
N GLY A 356 10.20 1.13 -31.01
CA GLY A 356 9.96 2.47 -31.53
C GLY A 356 8.59 2.99 -31.17
N GLU A 357 7.62 2.73 -32.05
CA GLU A 357 6.25 3.16 -31.81
C GLU A 357 5.49 2.17 -30.92
N ALA A 358 4.56 2.66 -30.15
CA ALA A 358 3.79 1.85 -29.22
C ALA A 358 3.01 0.82 -30.00
N PRO A 359 2.30 1.11 -31.10
CA PRO A 359 1.58 0.08 -31.82
C PRO A 359 2.45 -1.10 -32.24
N LEU A 360 3.68 -0.84 -32.67
CA LEU A 360 4.52 -1.93 -33.09
C LEU A 360 4.96 -2.76 -31.86
N ALA A 361 5.29 -2.11 -30.76
CA ALA A 361 5.59 -2.85 -29.53
C ALA A 361 4.44 -3.76 -29.14
N PHE A 362 3.21 -3.26 -29.17
CA PHE A 362 2.06 -4.04 -28.76
C PHE A 362 1.80 -5.17 -29.73
N GLU A 363 2.01 -4.92 -31.06
CA GLU A 363 1.84 -5.98 -32.04
C GLU A 363 2.92 -7.05 -31.89
N ALA A 364 4.17 -6.63 -31.61
CA ALA A 364 5.23 -7.61 -31.42
C ALA A 364 4.92 -8.46 -30.18
N SER A 365 4.40 -7.88 -29.13
CA SER A 365 4.02 -8.61 -27.90
C SER A 365 2.95 -9.65 -28.23
N ARG A 366 1.94 -9.25 -29.05
CA ARG A 366 0.91 -10.18 -29.46
C ARG A 366 1.49 -11.36 -30.23
N LEU A 367 2.41 -11.08 -31.15
CA LEU A 367 3.00 -12.10 -32.02
C LEU A 367 3.95 -12.99 -31.21
N LEU A 368 4.61 -12.44 -30.21
CA LEU A 368 5.45 -13.25 -29.35
C LEU A 368 4.58 -14.23 -28.60
N LEU A 369 3.37 -13.79 -28.17
CA LEU A 369 2.50 -14.69 -27.42
C LEU A 369 2.05 -15.86 -28.30
N GLU A 370 1.77 -15.60 -29.58
CA GLU A 370 1.43 -16.67 -30.53
C GLU A 370 2.53 -17.72 -30.61
N GLU A 371 3.79 -17.28 -30.42
CA GLU A 371 4.95 -18.14 -30.44
C GLU A 371 5.23 -18.80 -29.11
N GLY A 372 4.44 -18.49 -28.09
CA GLY A 372 4.68 -19.15 -26.78
C GLY A 372 5.56 -18.33 -25.84
N VAL A 373 5.64 -17.00 -26.03
CA VAL A 373 6.54 -16.16 -25.27
C VAL A 373 5.73 -14.96 -24.79
N PHE A 374 5.75 -14.75 -23.46
CA PHE A 374 4.97 -13.71 -22.79
C PHE A 374 5.87 -12.60 -22.27
N ALA A 375 5.74 -11.45 -22.95
CA ALA A 375 6.50 -10.26 -22.55
C ALA A 375 5.64 -9.07 -22.97
N VAL A 376 5.53 -8.08 -22.11
CA VAL A 376 4.54 -7.04 -22.28
C VAL A 376 5.12 -5.78 -22.90
N GLY A 377 4.44 -5.31 -23.91
CA GLY A 377 4.79 -4.06 -24.55
C GLY A 377 4.46 -2.83 -23.69
N ILE A 378 5.36 -1.84 -23.74
CA ILE A 378 5.23 -0.60 -22.98
C ILE A 378 5.50 0.58 -23.91
N GLY A 379 4.62 1.57 -23.89
CA GLY A 379 4.79 2.77 -24.71
C GLY A 379 4.53 4.05 -23.89
N PHE A 380 4.48 5.18 -24.57
CA PHE A 380 4.11 6.44 -23.93
C PHE A 380 2.75 6.32 -23.28
N PRO A 381 2.48 6.95 -22.07
CA PRO A 381 3.45 7.76 -21.37
C PRO A 381 4.47 7.18 -20.40
N THR A 382 4.49 5.83 -20.25
CA THR A 382 5.41 5.19 -19.35
C THR A 382 6.84 5.37 -19.82
N VAL A 383 7.03 5.35 -21.17
CA VAL A 383 8.33 5.53 -21.80
C VAL A 383 8.15 6.54 -22.95
N PRO A 384 9.25 7.18 -23.42
CA PRO A 384 9.08 8.25 -24.42
C PRO A 384 8.41 7.78 -25.70
N ARG A 385 7.73 8.72 -26.37
CA ARG A 385 7.35 8.53 -27.79
C ARG A 385 8.57 8.20 -28.60
N GLY A 386 8.38 7.18 -29.46
CA GLY A 386 9.44 6.67 -30.29
C GLY A 386 10.42 5.77 -29.57
N LYS A 387 10.21 5.49 -28.29
CA LYS A 387 11.04 4.56 -27.55
C LYS A 387 10.22 3.46 -26.87
N ALA A 388 9.11 3.09 -27.50
CA ALA A 388 8.33 1.95 -27.03
C ALA A 388 9.19 0.70 -27.17
N ARG A 389 8.93 -0.27 -26.26
CA ARG A 389 9.73 -1.45 -26.17
C ARG A 389 8.85 -2.58 -25.65
N ILE A 390 9.45 -3.80 -25.66
CA ILE A 390 8.99 -4.88 -24.80
C ILE A 390 10.02 -5.00 -23.73
N ARG A 391 9.57 -5.00 -22.47
CA ARG A 391 10.47 -5.23 -21.36
C ARG A 391 10.55 -6.74 -21.08
N ASN A 392 11.75 -7.29 -21.16
CA ASN A 392 11.99 -8.68 -20.78
C ASN A 392 12.73 -8.61 -19.48
N ILE A 393 12.36 -9.42 -18.48
CA ILE A 393 13.17 -9.49 -17.28
C ILE A 393 13.67 -10.92 -17.19
N VAL A 394 15.00 -11.06 -17.29
CA VAL A 394 15.62 -12.36 -17.16
C VAL A 394 15.71 -12.77 -15.69
N THR A 395 15.54 -14.08 -15.38
CA THR A 395 15.59 -14.53 -14.00
C THR A 395 16.60 -15.66 -13.85
N ALA A 396 16.94 -15.90 -12.59
CA ALA A 396 17.83 -17.04 -12.29
C ALA A 396 17.25 -18.40 -12.66
N ALA A 397 15.90 -18.51 -12.71
CA ALA A 397 15.20 -19.76 -12.96
C ALA A 397 14.96 -20.03 -14.43
N HIS A 398 15.26 -19.10 -15.35
CA HIS A 398 15.15 -19.43 -16.75
C HIS A 398 16.28 -20.37 -17.13
N THR A 399 15.96 -21.34 -17.95
CA THR A 399 16.92 -22.24 -18.51
C THR A 399 17.41 -21.76 -19.84
N LYS A 400 18.47 -22.39 -20.34
CA LYS A 400 18.94 -22.08 -21.67
C LYS A 400 17.87 -22.36 -22.73
N GLU A 401 17.17 -23.50 -22.62
CA GLU A 401 16.16 -23.79 -23.63
C GLU A 401 14.99 -22.80 -23.58
N MET A 402 14.63 -22.30 -22.39
CA MET A 402 13.61 -21.25 -22.34
C MET A 402 14.10 -19.96 -23.00
N LEU A 403 15.34 -19.55 -22.67
CA LEU A 403 15.87 -18.32 -23.27
C LEU A 403 16.03 -18.44 -24.78
N ASP A 404 16.40 -19.65 -25.26
CA ASP A 404 16.59 -19.84 -26.68
C ASP A 404 15.25 -19.88 -27.42
N LYS A 405 14.21 -20.34 -26.75
CA LYS A 405 12.86 -20.30 -27.29
C LYS A 405 12.44 -18.84 -27.42
N ALA A 406 12.69 -18.06 -26.41
CA ALA A 406 12.33 -16.65 -26.48
C ALA A 406 13.10 -15.98 -27.61
N LEU A 407 14.41 -16.28 -27.72
CA LEU A 407 15.21 -15.71 -28.81
C LEU A 407 14.68 -16.16 -30.18
N GLU A 408 14.32 -17.43 -30.36
CA GLU A 408 13.72 -17.90 -31.60
C GLU A 408 12.47 -17.12 -31.96
N ALA A 409 11.63 -16.88 -30.97
CA ALA A 409 10.40 -16.11 -31.18
C ALA A 409 10.74 -14.69 -31.58
N TYR A 410 11.68 -14.07 -30.89
CA TYR A 410 12.06 -12.69 -31.26
C TYR A 410 12.63 -12.61 -32.67
N GLU A 411 13.38 -13.63 -33.07
CA GLU A 411 13.93 -13.66 -34.47
C GLU A 411 12.79 -13.74 -35.46
N LYS A 412 11.84 -14.67 -35.22
CA LYS A 412 10.74 -14.88 -36.16
C LYS A 412 9.89 -13.63 -36.24
N VAL A 413 9.53 -13.06 -35.08
CA VAL A 413 8.65 -11.91 -35.09
C VAL A 413 9.34 -10.71 -35.70
N GLY A 414 10.60 -10.49 -35.32
CA GLY A 414 11.33 -9.34 -35.82
C GLY A 414 11.50 -9.35 -37.33
N LYS A 415 11.74 -10.52 -37.91
CA LYS A 415 11.88 -10.67 -39.35
C LYS A 415 10.52 -10.36 -39.97
N ARG A 416 9.47 -10.91 -39.39
CA ARG A 416 8.13 -10.69 -39.90
C ARG A 416 7.77 -9.22 -39.92
N LEU A 417 8.18 -8.40 -38.90
CA LEU A 417 7.79 -7.01 -38.78
C LEU A 417 8.78 -6.09 -39.51
N GLY A 418 9.87 -6.66 -40.02
CA GLY A 418 10.85 -5.96 -40.84
C GLY A 418 11.74 -5.07 -40.00
N ILE A 419 11.96 -5.36 -38.70
CA ILE A 419 12.87 -4.56 -37.89
C ILE A 419 14.28 -5.16 -37.82
N ILE A 420 14.39 -6.45 -38.15
CA ILE A 420 15.67 -7.14 -38.21
C ILE A 420 15.68 -7.90 -39.51
N ARG A 421 16.92 -8.15 -39.94
CA ARG A 421 17.18 -8.74 -41.24
C ARG A 421 17.06 -10.23 -41.07
N GLY B 27 26.09 26.35 5.48
CA GLY B 27 26.00 24.88 5.52
C GLY B 27 24.55 24.42 5.42
N SER B 28 24.39 23.10 5.22
CA SER B 28 23.11 22.42 5.06
C SER B 28 22.93 21.45 6.24
N LEU B 29 21.79 20.77 6.33
CA LEU B 29 21.71 19.71 7.32
C LEU B 29 22.10 18.40 6.69
N ASP B 30 22.78 17.58 7.49
CA ASP B 30 23.02 16.20 7.13
C ASP B 30 21.84 15.37 7.65
N LEU B 31 21.77 14.10 7.23
CA LEU B 31 20.63 13.30 7.57
C LEU B 31 20.44 13.15 9.07
N ARG B 32 21.52 12.87 9.84
CA ARG B 32 21.35 12.64 11.27
C ARG B 32 20.88 13.91 11.98
N ALA B 33 21.34 15.07 11.46
CA ALA B 33 20.91 16.32 12.04
C ALA B 33 19.42 16.54 11.78
N ARG B 34 18.92 16.29 10.56
CA ARG B 34 17.50 16.45 10.30
C ARG B 34 16.66 15.50 11.16
N VAL B 35 17.14 14.26 11.30
CA VAL B 35 16.40 13.28 12.07
C VAL B 35 16.33 13.72 13.53
N ARG B 36 17.48 14.17 14.06
CA ARG B 36 17.55 14.57 15.45
C ARG B 36 16.66 15.77 15.70
N GLU B 37 16.69 16.77 14.78
CA GLU B 37 15.83 17.92 14.86
C GLU B 37 14.38 17.46 14.95
N GLU B 38 13.96 16.52 14.07
CA GLU B 38 12.55 16.16 14.06
C GLU B 38 12.19 15.29 15.26
N LEU B 39 13.08 14.39 15.72
CA LEU B 39 12.75 13.55 16.86
C LEU B 39 12.70 14.44 18.15
N GLU B 40 13.62 15.39 18.24
CA GLU B 40 13.63 16.28 19.42
C GLU B 40 12.35 17.11 19.43
N ARG B 41 11.95 17.62 18.26
CA ARG B 41 10.70 18.34 18.14
C ARG B 41 9.56 17.50 18.69
N LEU B 42 9.41 16.25 18.22
CA LEU B 42 8.25 15.47 18.62
C LEU B 42 8.30 15.24 20.13
N LYS B 43 9.49 14.96 20.71
CA LYS B 43 9.62 14.75 22.16
C LYS B 43 9.25 16.00 22.94
N ARG B 44 9.63 17.18 22.46
CA ARG B 44 9.31 18.42 23.18
C ARG B 44 7.79 18.62 23.13
N GLU B 45 7.13 18.23 22.03
CA GLU B 45 5.69 18.37 21.94
C GLU B 45 4.92 17.26 22.67
N GLY B 46 5.61 16.25 23.24
CA GLY B 46 4.95 15.12 23.88
C GLY B 46 4.20 14.18 22.92
N LEU B 47 4.61 14.16 21.62
CA LEU B 47 3.94 13.39 20.57
C LEU B 47 4.81 12.23 20.03
N TYR B 48 6.02 12.08 20.55
CA TYR B 48 6.88 11.00 20.11
C TYR B 48 6.31 9.67 20.63
N ILE B 49 6.27 8.67 19.76
CA ILE B 49 5.60 7.41 20.05
C ILE B 49 6.64 6.31 20.08
N SER B 50 6.36 5.29 20.92
CA SER B 50 7.16 4.12 21.10
C SER B 50 6.23 2.90 21.07
N PRO B 51 5.85 2.38 19.88
CA PRO B 51 4.87 1.32 19.82
C PRO B 51 5.25 0.08 20.60
N LYS B 52 4.24 -0.64 21.05
CA LYS B 52 4.45 -1.90 21.74
C LYS B 52 4.54 -3.04 20.73
N VAL B 53 5.15 -4.13 21.16
CA VAL B 53 5.32 -5.34 20.34
C VAL B 53 4.41 -6.42 20.89
N LEU B 54 3.42 -6.87 20.12
CA LEU B 54 2.54 -7.93 20.56
C LEU B 54 3.25 -9.29 20.41
N GLU B 55 3.07 -10.17 21.40
CA GLU B 55 3.86 -11.39 21.54
C GLU B 55 3.03 -12.65 21.36
N ALA B 56 1.75 -12.52 21.02
CA ALA B 56 0.85 -13.60 20.73
C ALA B 56 -0.06 -13.17 19.57
N PRO B 57 -0.86 -14.07 18.99
CA PRO B 57 -1.71 -13.73 17.84
C PRO B 57 -2.72 -12.63 18.11
N GLN B 58 -3.25 -12.07 17.00
CA GLN B 58 -4.32 -11.13 17.07
C GLN B 58 -5.61 -11.79 17.49
N GLU B 59 -5.90 -11.66 18.78
CA GLU B 59 -7.08 -12.22 19.36
C GLU B 59 -7.58 -11.29 20.45
N PRO B 60 -8.79 -11.52 20.93
CA PRO B 60 -9.31 -10.62 21.97
C PRO B 60 -8.57 -10.67 23.29
N VAL B 61 -7.86 -11.77 23.55
CA VAL B 61 -6.83 -11.83 24.56
C VAL B 61 -5.50 -12.05 23.83
N THR B 62 -4.48 -11.30 24.21
CA THR B 62 -3.15 -11.43 23.63
C THR B 62 -2.12 -11.08 24.68
N ARG B 63 -0.89 -10.95 24.29
CA ARG B 63 0.22 -10.68 25.18
C ARG B 63 1.02 -9.48 24.72
N VAL B 64 1.31 -8.56 25.64
CA VAL B 64 2.07 -7.34 25.46
C VAL B 64 3.03 -7.23 26.63
N GLU B 65 4.31 -6.91 26.34
CA GLU B 65 5.28 -6.64 27.43
C GLU B 65 5.27 -7.77 28.47
N GLY B 66 5.16 -8.99 27.99
CA GLY B 66 5.32 -10.16 28.81
C GLY B 66 4.07 -10.50 29.62
N ARG B 67 2.95 -9.81 29.35
CA ARG B 67 1.75 -10.04 30.15
C ARG B 67 0.55 -10.32 29.27
N GLU B 68 -0.40 -11.04 29.82
CA GLU B 68 -1.64 -11.29 29.12
C GLU B 68 -2.56 -10.06 29.31
N VAL B 69 -3.27 -9.69 28.24
CA VAL B 69 -4.14 -8.54 28.28
C VAL B 69 -5.42 -8.82 27.52
N VAL B 70 -6.52 -8.20 27.92
CA VAL B 70 -7.72 -8.11 27.13
C VAL B 70 -7.42 -6.99 26.11
N ASN B 71 -7.58 -7.36 24.83
CA ASN B 71 -7.19 -6.49 23.72
C ASN B 71 -8.43 -5.81 23.14
N LEU B 72 -8.49 -4.49 23.41
CA LEU B 72 -9.48 -3.59 22.84
C LEU B 72 -8.87 -2.64 21.82
N ALA B 73 -7.62 -2.97 21.39
CA ALA B 73 -6.87 -2.15 20.44
C ALA B 73 -6.66 -2.86 19.09
N SER B 74 -7.54 -3.70 18.69
CA SER B 74 -7.45 -4.32 17.36
C SER B 74 -8.63 -3.83 16.55
N ASN B 75 -8.58 -4.12 15.24
CA ASN B 75 -9.70 -3.82 14.38
C ASN B 75 -10.33 -5.14 13.95
N ASN B 76 -10.21 -6.24 14.74
CA ASN B 76 -10.56 -7.58 14.34
C ASN B 76 -12.03 -7.85 14.65
N TYR B 77 -12.91 -7.06 14.02
CA TYR B 77 -14.31 -6.99 14.37
C TYR B 77 -15.01 -8.35 14.45
N LEU B 78 -14.72 -9.28 13.54
CA LEU B 78 -15.46 -10.53 13.41
C LEU B 78 -14.70 -11.72 14.01
N GLY B 79 -13.54 -11.49 14.59
CA GLY B 79 -12.77 -12.57 15.17
C GLY B 79 -12.09 -13.45 14.11
N PHE B 80 -11.77 -12.86 12.96
CA PHE B 80 -11.22 -13.64 11.84
C PHE B 80 -9.70 -13.72 11.84
N ALA B 81 -9.00 -12.83 12.51
CA ALA B 81 -7.57 -12.68 12.32
C ALA B 81 -6.77 -13.97 12.56
N ASN B 82 -7.23 -14.75 13.56
CA ASN B 82 -6.54 -16.00 13.86
C ASN B 82 -7.50 -17.18 13.77
N HIS B 83 -8.51 -17.09 12.91
CA HIS B 83 -9.54 -18.10 12.76
C HIS B 83 -9.03 -19.23 11.87
N PRO B 84 -9.14 -20.50 12.30
CA PRO B 84 -8.60 -21.59 11.49
C PRO B 84 -9.18 -21.73 10.08
N TYR B 85 -10.40 -21.29 9.82
CA TYR B 85 -11.01 -21.38 8.52
C TYR B 85 -10.27 -20.49 7.51
N LEU B 86 -9.99 -19.24 7.91
CA LEU B 86 -9.20 -18.38 7.03
C LEU B 86 -7.82 -18.92 6.83
N LYS B 87 -7.25 -19.47 7.88
CA LYS B 87 -5.88 -19.94 7.86
C LYS B 87 -5.79 -21.13 6.91
N GLU B 88 -6.79 -22.01 6.90
CA GLU B 88 -6.76 -23.20 6.03
C GLU B 88 -6.93 -22.76 4.57
N LYS B 89 -7.82 -21.80 4.27
CA LYS B 89 -7.95 -21.38 2.87
C LYS B 89 -6.65 -20.69 2.44
N ALA B 90 -6.09 -19.86 3.31
CA ALA B 90 -4.78 -19.29 3.05
C ALA B 90 -3.74 -20.34 2.71
N ARG B 91 -3.69 -21.39 3.54
CA ARG B 91 -2.69 -22.41 3.35
C ARG B 91 -2.86 -23.08 1.98
N GLN B 92 -4.09 -23.34 1.60
CA GLN B 92 -4.41 -24.01 0.32
C GLN B 92 -3.89 -23.16 -0.83
N TYR B 93 -4.18 -21.85 -0.80
CA TYR B 93 -3.78 -21.01 -1.91
C TYR B 93 -2.27 -20.80 -1.91
N LEU B 94 -1.63 -20.64 -0.74
CA LEU B 94 -0.18 -20.59 -0.65
C LEU B 94 0.46 -21.83 -1.32
N GLU B 95 0.00 -23.00 -0.94
CA GLU B 95 0.59 -24.23 -1.49
C GLU B 95 0.39 -24.31 -3.00
N LYS B 96 -0.79 -23.94 -3.50
CA LYS B 96 -1.09 -24.10 -4.91
C LYS B 96 -0.33 -23.09 -5.75
N TRP B 97 -0.26 -21.84 -5.28
CA TRP B 97 0.15 -20.77 -6.16
C TRP B 97 1.45 -20.12 -5.76
N GLY B 98 1.86 -20.19 -4.48
CA GLY B 98 3.17 -19.71 -4.05
C GLY B 98 3.18 -18.52 -3.11
N ALA B 99 4.39 -17.98 -2.88
CA ALA B 99 4.63 -16.94 -1.91
C ALA B 99 4.35 -15.54 -2.49
N GLY B 100 4.46 -15.34 -3.80
CA GLY B 100 4.40 -14.00 -4.37
C GLY B 100 3.75 -14.01 -5.72
N SER B 101 3.13 -12.89 -6.07
CA SER B 101 2.63 -12.68 -7.42
C SER B 101 3.70 -12.21 -8.41
N GLY B 102 4.74 -11.52 -7.93
CA GLY B 102 5.84 -11.14 -8.78
C GLY B 102 5.58 -10.03 -9.79
N ALA B 103 4.52 -9.26 -9.69
CA ALA B 103 4.31 -8.17 -10.64
C ALA B 103 3.09 -7.33 -10.24
N ALA B 104 3.00 -6.14 -10.88
CA ALA B 104 1.77 -5.37 -10.83
C ALA B 104 0.66 -6.09 -11.62
N ARG B 105 -0.58 -5.81 -11.23
CA ARG B 105 -1.76 -6.38 -11.88
C ARG B 105 -1.75 -6.16 -13.40
N THR B 106 -1.19 -5.06 -13.85
CA THR B 106 -1.25 -4.65 -15.23
C THR B 106 -0.26 -5.39 -16.11
N ILE B 107 0.74 -6.05 -15.53
CA ILE B 107 1.84 -6.65 -16.31
C ILE B 107 1.76 -8.17 -16.23
N ALA B 108 2.10 -8.74 -15.09
CA ALA B 108 2.07 -10.21 -14.98
C ALA B 108 1.66 -10.62 -13.57
N GLY B 109 0.91 -9.73 -12.89
CA GLY B 109 0.54 -9.93 -11.50
C GLY B 109 -0.95 -10.18 -11.28
N THR B 110 -1.75 -10.31 -12.35
CA THR B 110 -3.13 -10.77 -12.18
C THR B 110 -3.19 -12.27 -12.39
N PHE B 111 -3.64 -13.00 -11.37
CA PHE B 111 -3.82 -14.43 -11.51
C PHE B 111 -5.30 -14.80 -11.27
N THR B 112 -5.64 -16.06 -11.56
CA THR B 112 -7.02 -16.51 -11.43
C THR B 112 -7.58 -16.16 -10.07
N TYR B 113 -6.78 -16.26 -9.01
CA TYR B 113 -7.28 -16.09 -7.65
C TYR B 113 -7.62 -14.62 -7.38
N HIS B 114 -6.99 -13.64 -8.05
CA HIS B 114 -7.38 -12.26 -7.91
C HIS B 114 -8.77 -12.03 -8.46
N VAL B 115 -9.02 -12.66 -9.62
CA VAL B 115 -10.34 -12.51 -10.26
C VAL B 115 -11.39 -13.19 -9.39
N GLU B 116 -11.09 -14.38 -8.85
CA GLU B 116 -12.01 -15.10 -8.00
C GLU B 116 -12.43 -14.22 -6.78
N LEU B 117 -11.44 -13.60 -6.13
CA LEU B 117 -11.75 -12.70 -5.02
C LEU B 117 -12.61 -11.50 -5.45
N GLU B 118 -12.34 -10.87 -6.60
CA GLU B 118 -13.10 -9.72 -7.02
C GLU B 118 -14.56 -10.12 -7.32
N GLU B 119 -14.73 -11.32 -7.90
CA GLU B 119 -16.10 -11.77 -8.16
C GLU B 119 -16.83 -12.02 -6.85
N ALA B 120 -16.16 -12.68 -5.94
CA ALA B 120 -16.79 -12.97 -4.66
C ALA B 120 -17.12 -11.67 -3.90
N LEU B 121 -16.22 -10.70 -3.93
CA LEU B 121 -16.47 -9.44 -3.25
C LEU B 121 -17.65 -8.69 -3.86
N ALA B 122 -17.70 -8.53 -5.18
CA ALA B 122 -18.82 -7.88 -5.83
C ALA B 122 -20.14 -8.56 -5.43
N ARG B 123 -20.14 -9.89 -5.41
CA ARG B 123 -21.38 -10.59 -5.08
C ARG B 123 -21.82 -10.27 -3.66
N PHE B 124 -20.87 -10.23 -2.75
CA PHE B 124 -21.18 -10.00 -1.35
C PHE B 124 -21.62 -8.54 -1.18
N LYS B 125 -20.98 -7.61 -1.86
CA LYS B 125 -21.28 -6.21 -1.69
C LYS B 125 -22.64 -5.89 -2.31
N GLY B 126 -23.01 -6.67 -3.33
CA GLY B 126 -24.20 -6.29 -4.11
C GLY B 126 -23.93 -5.27 -5.19
N THR B 127 -22.66 -4.94 -5.53
CA THR B 127 -22.31 -3.95 -6.53
C THR B 127 -22.01 -4.69 -7.86
N GLU B 128 -21.99 -3.87 -8.89
CA GLU B 128 -21.76 -4.42 -10.22
C GLU B 128 -20.35 -4.99 -10.30
N SER B 129 -19.42 -4.34 -9.64
CA SER B 129 -18.01 -4.71 -9.72
C SER B 129 -17.31 -4.44 -8.40
N ALA B 130 -16.10 -4.98 -8.32
CA ALA B 130 -15.17 -4.78 -7.23
C ALA B 130 -13.76 -4.96 -7.77
N LEU B 131 -12.86 -4.13 -7.23
CA LEU B 131 -11.42 -4.16 -7.54
C LEU B 131 -10.69 -4.17 -6.21
N VAL B 132 -9.70 -5.03 -6.08
CA VAL B 132 -8.83 -5.03 -4.89
C VAL B 132 -7.55 -4.30 -5.18
N LEU B 133 -7.14 -3.44 -4.19
CA LEU B 133 -5.97 -2.62 -4.22
C LEU B 133 -5.12 -2.92 -2.99
N GLN B 134 -3.89 -2.36 -2.98
CA GLN B 134 -2.84 -2.72 -1.93
CA GLN B 134 -2.87 -2.80 -2.05
C GLN B 134 -3.20 -2.44 -0.59
N SER B 135 -4.12 -1.49 -0.34
CA SER B 135 -4.51 -1.12 1.03
C SER B 135 -5.72 -0.20 0.97
N GLY B 136 -6.43 0.00 2.09
CA GLY B 136 -7.39 1.09 2.15
C GLY B 136 -6.74 2.45 1.98
N PHE B 137 -5.53 2.60 2.53
CA PHE B 137 -4.80 3.86 2.41
C PHE B 137 -4.56 4.22 0.94
N THR B 138 -4.05 3.25 0.17
CA THR B 138 -3.74 3.49 -1.24
C THR B 138 -5.02 3.40 -2.08
N ALA B 139 -6.05 2.70 -1.67
CA ALA B 139 -7.28 2.69 -2.45
C ALA B 139 -7.80 4.11 -2.53
N ASN B 140 -7.77 4.87 -1.42
CA ASN B 140 -8.26 6.22 -1.43
C ASN B 140 -7.47 7.04 -2.44
N GLN B 141 -6.12 6.88 -2.43
CA GLN B 141 -5.36 7.66 -3.36
C GLN B 141 -5.69 7.28 -4.79
N GLY B 142 -5.76 6.01 -5.06
CA GLY B 142 -5.98 5.53 -6.41
C GLY B 142 -7.35 5.92 -6.96
N VAL B 143 -8.38 5.74 -6.16
CA VAL B 143 -9.73 6.00 -6.68
C VAL B 143 -10.00 7.50 -6.78
N LEU B 144 -9.66 8.30 -5.75
CA LEU B 144 -9.79 9.76 -5.85
C LEU B 144 -8.96 10.31 -7.00
N GLY B 145 -7.76 9.78 -7.19
CA GLY B 145 -6.92 10.21 -8.31
C GLY B 145 -7.50 9.88 -9.67
N ALA B 146 -8.08 8.72 -9.83
CA ALA B 146 -8.66 8.28 -11.08
C ALA B 146 -9.90 9.12 -11.42
N LEU B 147 -10.71 9.47 -10.42
CA LEU B 147 -12.01 10.13 -10.63
C LEU B 147 -11.85 11.62 -10.92
N LEU B 148 -10.88 12.31 -10.31
CA LEU B 148 -10.86 13.76 -10.17
C LEU B 148 -9.96 14.36 -11.22
N LYS B 149 -10.38 15.51 -11.70
CA LYS B 149 -9.61 16.30 -12.67
C LYS B 149 -9.69 17.77 -12.29
N GLU B 150 -8.80 18.61 -12.87
CA GLU B 150 -8.86 20.05 -12.70
C GLU B 150 -10.26 20.57 -13.10
N GLY B 151 -10.82 21.40 -12.25
CA GLY B 151 -12.15 21.98 -12.47
C GLY B 151 -13.27 21.23 -11.76
N ASP B 152 -12.99 20.01 -11.29
CA ASP B 152 -13.92 19.33 -10.39
C ASP B 152 -13.90 20.00 -9.02
N VAL B 153 -14.99 19.77 -8.26
CA VAL B 153 -15.14 20.31 -6.92
C VAL B 153 -15.43 19.13 -5.99
N VAL B 154 -14.59 19.02 -4.95
CA VAL B 154 -14.76 18.08 -3.87
C VAL B 154 -15.28 18.78 -2.63
N PHE B 155 -16.18 18.06 -1.95
CA PHE B 155 -16.78 18.50 -0.73
C PHE B 155 -16.51 17.44 0.32
N SER B 156 -15.54 17.76 1.22
CA SER B 156 -15.04 16.72 2.14
C SER B 156 -15.56 16.98 3.53
N ASP B 157 -15.93 15.93 4.28
CA ASP B 157 -16.25 16.08 5.70
C ASP B 157 -14.98 16.47 6.47
N GLU B 158 -15.14 17.46 7.38
CA GLU B 158 -14.10 17.97 8.24
C GLU B 158 -13.20 16.89 8.81
N LEU B 159 -13.80 15.75 9.13
CA LEU B 159 -13.10 14.74 9.95
C LEU B 159 -12.69 13.51 9.15
N ASN B 160 -12.64 13.65 7.84
CA ASN B 160 -12.18 12.57 6.96
C ASN B 160 -10.76 12.10 7.34
N HIS B 161 -10.59 10.80 7.14
CA HIS B 161 -9.30 10.14 7.38
C HIS B 161 -8.15 10.78 6.60
N ALA B 162 -6.94 10.66 7.21
CA ALA B 162 -5.70 11.14 6.61
C ALA B 162 -5.43 10.60 5.21
N SER B 163 -5.82 9.35 4.90
CA SER B 163 -5.52 8.83 3.58
C SER B 163 -6.40 9.45 2.46
N ILE B 164 -7.58 9.93 2.86
CA ILE B 164 -8.42 10.71 1.95
C ILE B 164 -7.71 12.02 1.66
N ILE B 165 -7.24 12.67 2.74
CA ILE B 165 -6.52 13.93 2.54
C ILE B 165 -5.37 13.77 1.53
N ASP B 166 -4.50 12.76 1.71
CA ASP B 166 -3.36 12.56 0.83
C ASP B 166 -3.83 12.30 -0.61
N GLY B 167 -4.97 11.58 -0.79
CA GLY B 167 -5.44 11.28 -2.10
C GLY B 167 -5.93 12.55 -2.79
N LEU B 168 -6.58 13.41 -2.01
CA LEU B 168 -7.06 14.66 -2.59
C LEU B 168 -5.93 15.62 -2.97
N ARG B 169 -4.88 15.60 -2.18
CA ARG B 169 -3.71 16.49 -2.36
C ARG B 169 -2.99 16.20 -3.67
N LEU B 170 -3.10 14.98 -4.19
CA LEU B 170 -2.46 14.55 -5.41
C LEU B 170 -3.33 14.98 -6.58
N THR B 171 -4.55 15.44 -6.36
CA THR B 171 -5.39 15.83 -7.49
C THR B 171 -5.33 17.33 -7.74
N LYS B 172 -5.90 17.77 -8.89
CA LYS B 172 -6.03 19.16 -9.22
C LYS B 172 -7.44 19.67 -8.98
N ALA B 173 -8.25 18.93 -8.23
CA ALA B 173 -9.62 19.35 -7.95
C ALA B 173 -9.63 20.45 -6.90
N THR B 174 -10.70 21.27 -6.98
CA THR B 174 -10.95 22.29 -6.00
C THR B 174 -11.52 21.61 -4.75
N ARG B 175 -10.98 21.93 -3.59
CA ARG B 175 -11.27 21.20 -2.36
C ARG B 175 -11.97 22.11 -1.38
N LEU B 176 -13.16 21.70 -0.98
CA LEU B 176 -13.96 22.40 0.00
C LEU B 176 -14.16 21.44 1.17
N VAL B 177 -14.33 22.02 2.35
CA VAL B 177 -14.55 21.25 3.56
C VAL B 177 -15.87 21.67 4.19
N PHE B 178 -16.77 20.70 4.43
CA PHE B 178 -17.98 20.96 5.19
C PHE B 178 -17.81 20.53 6.66
N ARG B 179 -18.43 21.30 7.58
CA ARG B 179 -18.41 20.96 9.00
C ARG B 179 -18.92 19.53 9.15
N HIS B 180 -18.37 18.80 10.14
CA HIS B 180 -18.62 17.39 10.33
C HIS B 180 -20.12 17.10 10.35
N ALA B 181 -20.52 16.21 9.45
CA ALA B 181 -21.86 15.71 9.27
C ALA B 181 -22.92 16.83 9.13
N ASP B 182 -22.51 18.02 8.76
CA ASP B 182 -23.40 19.19 8.74
C ASP B 182 -24.00 19.31 7.33
N VAL B 183 -25.20 18.74 7.10
CA VAL B 183 -25.77 18.69 5.75
C VAL B 183 -26.33 20.06 5.37
N ALA B 184 -26.57 20.94 6.35
CA ALA B 184 -26.91 22.33 6.03
C ALA B 184 -25.75 23.02 5.37
N HIS B 185 -24.56 22.83 5.93
CA HIS B 185 -23.35 23.41 5.43
C HIS B 185 -23.05 22.86 4.05
N LEU B 186 -23.13 21.52 3.92
CA LEU B 186 -22.88 20.88 2.65
C LEU B 186 -23.78 21.42 1.53
N GLU B 187 -25.06 21.65 1.87
CA GLU B 187 -25.99 22.20 0.88
C GLU B 187 -25.60 23.61 0.49
N GLU B 188 -25.22 24.43 1.46
CA GLU B 188 -24.77 25.78 1.18
C GLU B 188 -23.58 25.76 0.21
N LEU B 189 -22.62 24.83 0.43
CA LEU B 189 -21.50 24.74 -0.48
C LEU B 189 -21.92 24.21 -1.85
N LEU B 190 -22.79 23.19 -1.89
CA LEU B 190 -23.15 22.59 -3.17
C LEU B 190 -23.84 23.65 -4.05
N LYS B 191 -24.62 24.52 -3.40
CA LYS B 191 -25.33 25.58 -4.12
C LYS B 191 -24.36 26.60 -4.68
N ALA B 192 -23.34 26.97 -3.89
CA ALA B 192 -22.45 28.04 -4.25
C ALA B 192 -21.37 27.58 -5.24
N HIS B 193 -21.11 26.26 -5.38
CA HIS B 193 -19.96 25.81 -6.17
C HIS B 193 -20.34 24.76 -7.20
N ASP B 194 -20.80 25.25 -8.35
CA ASP B 194 -21.21 24.38 -9.43
C ASP B 194 -20.00 24.16 -10.34
N THR B 195 -20.10 23.15 -11.19
CA THR B 195 -19.05 22.85 -12.14
C THR B 195 -19.63 22.06 -13.28
N ASP B 196 -18.99 22.15 -14.44
CA ASP B 196 -19.28 21.37 -15.60
C ASP B 196 -18.62 20.00 -15.55
N GLY B 197 -17.64 19.83 -14.61
CA GLY B 197 -17.07 18.53 -14.39
C GLY B 197 -17.81 17.83 -13.25
N LEU B 198 -17.04 17.15 -12.40
CA LEU B 198 -17.58 16.26 -11.38
C LEU B 198 -17.62 17.00 -10.05
N LYS B 199 -18.76 16.84 -9.33
CA LYS B 199 -18.85 17.22 -7.92
C LYS B 199 -18.79 15.93 -7.12
N LEU B 200 -17.78 15.84 -6.20
CA LEU B 200 -17.65 14.63 -5.43
C LEU B 200 -17.74 14.98 -3.95
N ILE B 201 -18.76 14.37 -3.29
CA ILE B 201 -18.93 14.51 -1.87
C ILE B 201 -18.20 13.32 -1.24
N VAL B 202 -17.23 13.62 -0.39
CA VAL B 202 -16.31 12.60 0.13
C VAL B 202 -16.45 12.51 1.63
N THR B 203 -16.72 11.30 2.14
CA THR B 203 -16.85 11.11 3.56
C THR B 203 -16.37 9.74 4.02
N ASP B 204 -15.85 9.66 5.24
CA ASP B 204 -15.79 8.36 5.90
C ASP B 204 -17.20 7.82 6.02
N GLY B 205 -17.37 6.49 5.93
CA GLY B 205 -18.62 5.87 6.24
C GLY B 205 -18.90 5.80 7.74
N VAL B 206 -17.90 5.29 8.47
CA VAL B 206 -17.79 5.28 9.92
C VAL B 206 -16.47 5.98 10.27
N PHE B 207 -16.63 7.04 11.11
CA PHE B 207 -15.50 7.86 11.49
C PHE B 207 -14.60 7.16 12.51
N SER B 208 -13.33 7.02 12.17
CA SER B 208 -12.35 6.16 12.87
C SER B 208 -12.21 6.49 14.34
N MET B 209 -12.31 7.75 14.73
CA MET B 209 -12.06 8.18 16.11
C MET B 209 -13.34 8.17 16.92
N ASP B 210 -14.44 8.70 16.48
CA ASP B 210 -15.63 8.89 17.24
C ASP B 210 -16.64 7.74 17.03
N GLY B 211 -16.54 6.93 15.98
CA GLY B 211 -17.48 5.82 15.81
C GLY B 211 -18.89 6.22 15.39
N ASP B 212 -19.05 7.41 14.84
CA ASP B 212 -20.31 7.84 14.30
C ASP B 212 -20.38 7.51 12.81
N ILE B 213 -21.59 7.52 12.28
CA ILE B 213 -21.87 7.05 10.94
C ILE B 213 -22.25 8.27 10.10
N ALA B 214 -21.68 8.34 8.94
CA ALA B 214 -22.01 9.42 7.99
C ALA B 214 -23.51 9.40 7.72
N PRO B 215 -24.15 10.59 7.64
CA PRO B 215 -25.61 10.64 7.40
C PRO B 215 -25.94 10.45 5.92
N LEU B 216 -25.66 9.27 5.35
CA LEU B 216 -25.83 9.11 3.91
C LEU B 216 -27.32 9.20 3.55
N ASP B 217 -28.18 8.94 4.53
CA ASP B 217 -29.60 9.08 4.20
C ASP B 217 -30.01 10.49 3.88
N LYS B 218 -29.24 11.48 4.31
CA LYS B 218 -29.40 12.87 3.92
C LYS B 218 -28.39 13.29 2.82
N ILE B 219 -27.15 12.79 2.87
CA ILE B 219 -26.19 13.20 1.89
C ILE B 219 -26.61 12.76 0.49
N VAL B 220 -27.06 11.53 0.33
CA VAL B 220 -27.25 11.00 -1.01
C VAL B 220 -28.40 11.72 -1.70
N PRO B 221 -29.55 11.97 -1.00
CA PRO B 221 -30.54 12.84 -1.63
C PRO B 221 -30.08 14.22 -2.01
N LEU B 222 -29.25 14.82 -1.16
CA LEU B 222 -28.70 16.12 -1.41
C LEU B 222 -27.83 16.05 -2.66
N ALA B 223 -27.06 14.96 -2.81
CA ALA B 223 -26.23 14.74 -3.99
C ALA B 223 -27.09 14.72 -5.26
N LYS B 224 -28.22 14.02 -5.20
CA LYS B 224 -29.14 13.98 -6.35
C LYS B 224 -29.63 15.36 -6.75
N LYS B 225 -29.96 16.17 -5.73
CA LYS B 225 -30.51 17.49 -5.98
C LYS B 225 -29.47 18.37 -6.67
N TYR B 226 -28.17 18.17 -6.33
CA TYR B 226 -27.17 19.07 -6.87
C TYR B 226 -26.25 18.36 -7.87
N LYS B 227 -26.62 17.17 -8.34
CA LYS B 227 -25.94 16.46 -9.40
C LYS B 227 -24.50 16.12 -8.99
N ALA B 228 -24.39 15.57 -7.79
CA ALA B 228 -23.07 15.16 -7.24
C ALA B 228 -22.98 13.67 -7.11
N VAL B 229 -21.73 13.17 -7.12
CA VAL B 229 -21.42 11.78 -6.89
C VAL B 229 -20.96 11.69 -5.42
N VAL B 230 -21.27 10.57 -4.77
CA VAL B 230 -20.91 10.36 -3.36
C VAL B 230 -19.84 9.27 -3.26
N TYR B 231 -18.77 9.60 -2.51
CA TYR B 231 -17.67 8.71 -2.22
C TYR B 231 -17.56 8.42 -0.73
N VAL B 232 -17.56 7.14 -0.43
CA VAL B 232 -17.58 6.68 0.95
C VAL B 232 -16.37 5.79 1.23
N ASP B 233 -15.55 6.19 2.17
CA ASP B 233 -14.46 5.36 2.68
C ASP B 233 -15.01 4.57 3.86
N ASP B 234 -15.39 3.31 3.61
CA ASP B 234 -16.11 2.54 4.62
C ASP B 234 -15.22 1.52 5.32
N ALA B 235 -13.97 1.89 5.54
CA ALA B 235 -13.05 1.05 6.28
C ALA B 235 -13.64 0.45 7.56
N HIS B 236 -14.31 1.23 8.40
CA HIS B 236 -14.84 0.77 9.66
C HIS B 236 -16.31 0.34 9.56
N GLY B 237 -16.95 0.42 8.37
CA GLY B 237 -18.31 -0.09 8.19
C GLY B 237 -18.35 -1.47 7.52
N SER B 238 -17.32 -1.82 6.74
CA SER B 238 -17.33 -3.07 6.00
C SER B 238 -17.22 -4.22 7.00
N GLY B 239 -18.19 -5.17 6.91
CA GLY B 239 -18.18 -6.27 7.82
C GLY B 239 -18.86 -5.93 9.12
N VAL B 240 -19.40 -4.72 9.26
CA VAL B 240 -19.90 -4.19 10.51
C VAL B 240 -21.33 -3.72 10.36
N LEU B 241 -21.59 -2.74 9.49
CA LEU B 241 -22.93 -2.26 9.22
C LEU B 241 -23.56 -2.96 8.04
N GLY B 242 -24.90 -2.79 7.96
CA GLY B 242 -25.68 -3.42 6.90
C GLY B 242 -25.97 -4.89 7.12
N GLU B 243 -26.93 -5.39 6.33
CA GLU B 243 -27.27 -6.81 6.33
C GLU B 243 -26.04 -7.67 6.17
N LYS B 244 -25.79 -8.59 7.13
CA LYS B 244 -24.65 -9.49 7.08
C LYS B 244 -23.32 -8.76 6.93
N GLY B 245 -23.23 -7.47 7.35
CA GLY B 245 -21.96 -6.79 7.30
C GLY B 245 -21.63 -6.24 5.91
N LYS B 246 -22.63 -6.02 5.04
CA LYS B 246 -22.34 -5.59 3.68
C LYS B 246 -21.81 -4.18 3.59
N GLY B 247 -21.96 -3.42 4.69
CA GLY B 247 -21.40 -2.11 4.79
C GLY B 247 -22.40 -0.99 4.88
N THR B 248 -21.86 0.22 5.14
CA THR B 248 -22.64 1.39 5.35
C THR B 248 -23.52 1.75 4.16
N VAL B 249 -22.97 1.75 2.94
CA VAL B 249 -23.77 2.08 1.79
C VAL B 249 -24.93 1.10 1.63
N HIS B 250 -24.67 -0.21 1.88
CA HIS B 250 -25.73 -1.24 1.85
C HIS B 250 -26.76 -0.96 2.93
N HIS B 251 -26.28 -0.58 4.12
CA HIS B 251 -27.13 -0.23 5.25
C HIS B 251 -28.15 0.84 4.87
N PHE B 252 -27.75 1.90 4.20
CA PHE B 252 -28.58 3.01 3.80
C PHE B 252 -29.34 2.75 2.48
N GLY B 253 -29.12 1.59 1.86
CA GLY B 253 -29.87 1.10 0.70
C GLY B 253 -29.37 1.59 -0.67
N PHE B 254 -28.10 1.98 -0.80
CA PHE B 254 -27.61 2.66 -1.99
C PHE B 254 -26.55 1.84 -2.71
N HIS B 255 -26.43 0.53 -2.46
CA HIS B 255 -25.37 -0.25 -3.09
C HIS B 255 -25.50 -0.41 -4.61
N GLN B 256 -26.72 -0.25 -5.18
CA GLN B 256 -26.88 -0.38 -6.62
C GLN B 256 -26.81 0.98 -7.30
N ASP B 257 -26.62 2.07 -6.56
CA ASP B 257 -26.58 3.38 -7.20
C ASP B 257 -25.24 3.56 -7.90
N PRO B 258 -25.17 3.81 -9.21
CA PRO B 258 -23.88 4.00 -9.90
C PRO B 258 -23.16 5.28 -9.53
N ASP B 259 -23.85 6.23 -8.86
CA ASP B 259 -23.29 7.51 -8.45
C ASP B 259 -22.92 7.51 -6.96
N VAL B 260 -22.81 6.31 -6.41
CA VAL B 260 -22.18 6.11 -5.12
C VAL B 260 -21.00 5.18 -5.34
N VAL B 261 -19.82 5.61 -4.83
CA VAL B 261 -18.57 4.89 -4.96
C VAL B 261 -18.16 4.48 -3.54
N GLN B 262 -17.78 3.24 -3.36
CA GLN B 262 -17.36 2.76 -2.03
C GLN B 262 -15.90 2.37 -2.13
N VAL B 263 -15.11 2.68 -1.12
CA VAL B 263 -13.74 2.20 -0.97
C VAL B 263 -13.67 1.68 0.46
N ALA B 264 -12.99 0.58 0.70
CA ALA B 264 -12.87 0.18 2.09
C ALA B 264 -11.61 -0.66 2.21
N THR B 265 -11.38 -1.21 3.37
CA THR B 265 -10.20 -1.98 3.66
C THR B 265 -10.59 -3.42 3.85
N LEU B 266 -9.64 -4.30 3.56
CA LEU B 266 -9.78 -5.74 3.83
C LEU B 266 -9.01 -6.15 5.08
N SER B 267 -8.54 -5.17 5.88
CA SER B 267 -7.61 -5.40 6.99
C SER B 267 -8.26 -5.33 8.35
N LYS B 268 -9.57 -5.09 8.47
CA LYS B 268 -10.17 -4.93 9.79
C LYS B 268 -11.10 -6.13 10.01
N ALA B 269 -12.41 -6.00 9.70
CA ALA B 269 -13.32 -7.12 9.76
C ALA B 269 -12.80 -8.27 8.96
N TRP B 270 -12.35 -8.01 7.71
CA TRP B 270 -11.93 -9.11 6.86
C TRP B 270 -10.53 -9.65 7.22
N ALA B 271 -9.83 -8.99 8.14
CA ALA B 271 -8.67 -9.48 8.87
C ALA B 271 -7.51 -9.99 8.00
N GLY B 272 -7.25 -9.20 6.94
CA GLY B 272 -6.12 -9.45 6.08
C GLY B 272 -5.30 -8.17 5.90
N ILE B 273 -5.05 -7.82 4.64
CA ILE B 273 -4.54 -6.57 4.14
C ILE B 273 -5.21 -6.32 2.84
N GLY B 274 -5.10 -5.09 2.37
CA GLY B 274 -5.69 -4.70 1.11
C GLY B 274 -6.81 -3.68 1.28
N GLY B 275 -7.19 -3.10 0.14
CA GLY B 275 -8.34 -2.25 0.09
C GLY B 275 -9.21 -2.66 -1.11
N TYR B 276 -10.41 -2.17 -1.20
CA TYR B 276 -11.22 -2.43 -2.37
C TYR B 276 -12.03 -1.22 -2.74
N ALA B 277 -12.38 -1.17 -4.03
CA ALA B 277 -13.28 -0.20 -4.58
C ALA B 277 -14.46 -0.96 -5.19
N ALA B 278 -15.69 -0.54 -4.93
CA ALA B 278 -16.87 -1.30 -5.33
C ALA B 278 -17.90 -0.28 -5.84
N GLY B 279 -18.58 -0.66 -6.92
CA GLY B 279 -19.52 0.25 -7.55
C GLY B 279 -19.89 -0.25 -8.97
N ALA B 280 -20.18 0.74 -9.81
CA ALA B 280 -20.62 0.49 -11.18
C ALA B 280 -19.50 -0.24 -11.90
N ARG B 281 -19.88 -1.07 -12.91
CA ARG B 281 -18.89 -1.76 -13.74
C ARG B 281 -17.84 -0.78 -14.30
N GLU B 282 -18.27 0.41 -14.74
CA GLU B 282 -17.36 1.25 -15.49
C GLU B 282 -16.27 1.79 -14.55
N LEU B 283 -16.60 1.94 -13.26
CA LEU B 283 -15.59 2.38 -12.29
C LEU B 283 -14.37 1.47 -12.35
N LYS B 284 -14.60 0.14 -12.34
CA LYS B 284 -13.52 -0.82 -12.30
C LYS B 284 -12.57 -0.67 -13.48
N ASP B 285 -13.18 -0.46 -14.66
CA ASP B 285 -12.43 -0.25 -15.89
C ASP B 285 -11.56 1.01 -15.77
N LEU B 286 -12.12 2.11 -15.23
CA LEU B 286 -11.34 3.33 -15.02
C LEU B 286 -10.14 3.10 -14.09
N LEU B 287 -10.38 2.37 -12.99
CA LEU B 287 -9.32 2.17 -12.01
C LEU B 287 -8.18 1.34 -12.58
N ILE B 288 -8.52 0.27 -13.28
CA ILE B 288 -7.53 -0.55 -13.94
C ILE B 288 -6.61 0.27 -14.82
N ASN B 289 -7.15 1.32 -15.46
CA ASN B 289 -6.42 2.07 -16.42
C ASN B 289 -5.71 3.28 -15.82
N LYS B 290 -6.15 3.75 -14.65
CA LYS B 290 -5.76 5.04 -14.15
C LYS B 290 -5.26 5.07 -12.71
N ALA B 291 -5.66 4.14 -11.83
CA ALA B 291 -5.34 4.33 -10.42
C ALA B 291 -3.83 4.08 -10.20
N ARG B 292 -3.09 5.04 -9.65
CA ARG B 292 -1.62 5.02 -9.66
C ARG B 292 -1.11 3.91 -8.76
N PRO B 293 -1.70 3.66 -7.59
CA PRO B 293 -1.23 2.54 -6.79
C PRO B 293 -1.51 1.18 -7.36
N PHE B 294 -2.41 1.08 -8.34
CA PHE B 294 -2.71 -0.12 -9.06
C PHE B 294 -1.74 -0.36 -10.22
N LEU B 295 -1.53 0.72 -10.99
CA LEU B 295 -0.56 0.74 -12.10
C LEU B 295 0.86 0.48 -11.62
N PHE B 296 1.21 0.89 -10.41
CA PHE B 296 2.64 1.09 -10.05
C PHE B 296 2.98 0.40 -8.74
N SER B 297 2.30 -0.73 -8.45
CA SER B 297 2.63 -1.51 -7.26
C SER B 297 2.23 -2.96 -7.48
N THR B 298 2.91 -3.84 -6.73
CA THR B 298 2.70 -5.28 -6.90
C THR B 298 1.36 -5.77 -6.34
N SER B 299 0.77 -6.76 -6.98
CA SER B 299 -0.48 -7.35 -6.52
C SER B 299 -0.25 -8.20 -5.28
N HIS B 300 -1.33 -8.44 -4.51
CA HIS B 300 -1.20 -9.23 -3.30
C HIS B 300 -1.02 -10.71 -3.58
N PRO B 301 -0.37 -11.43 -2.65
CA PRO B 301 0.04 -12.83 -2.83
C PRO B 301 -1.06 -13.83 -2.51
N PRO B 302 -0.87 -15.09 -2.96
CA PRO B 302 -1.92 -16.08 -2.72
C PRO B 302 -2.42 -16.33 -1.30
N ALA B 303 -1.52 -16.31 -0.29
CA ALA B 303 -1.98 -16.51 1.06
C ALA B 303 -2.94 -15.43 1.52
N VAL B 304 -2.72 -14.19 1.07
CA VAL B 304 -3.57 -13.08 1.45
C VAL B 304 -4.93 -13.23 0.76
N VAL B 305 -4.92 -13.55 -0.56
CA VAL B 305 -6.17 -13.69 -1.28
C VAL B 305 -6.94 -14.87 -0.73
N GLY B 306 -6.28 -16.01 -0.53
CA GLY B 306 -6.96 -17.16 0.02
C GLY B 306 -7.62 -16.90 1.35
N ALA B 307 -6.94 -16.17 2.28
CA ALA B 307 -7.57 -15.83 3.55
C ALA B 307 -8.84 -15.02 3.38
N LEU B 308 -8.82 -14.06 2.42
CA LEU B 308 -9.96 -13.21 2.22
C LEU B 308 -11.10 -13.96 1.57
N LEU B 309 -10.80 -14.88 0.62
CA LEU B 309 -11.87 -15.75 0.10
C LEU B 309 -12.48 -16.55 1.26
N GLY B 310 -11.63 -17.03 2.12
CA GLY B 310 -12.07 -17.71 3.34
C GLY B 310 -13.02 -16.86 4.16
N ALA B 311 -12.65 -15.60 4.40
CA ALA B 311 -13.44 -14.69 5.23
C ALA B 311 -14.81 -14.53 4.63
N LEU B 312 -14.93 -14.31 3.31
CA LEU B 312 -16.24 -14.12 2.70
C LEU B 312 -17.05 -15.41 2.82
N GLU B 313 -16.39 -16.56 2.73
CA GLU B 313 -17.18 -17.81 2.91
C GLU B 313 -17.63 -17.95 4.36
N LEU B 314 -16.75 -17.61 5.30
CA LEU B 314 -17.03 -17.81 6.72
C LEU B 314 -18.20 -16.91 7.14
N ILE B 315 -18.27 -15.64 6.71
CA ILE B 315 -19.32 -14.78 7.21
C ILE B 315 -20.69 -15.21 6.64
N GLU B 316 -20.73 -15.89 5.48
CA GLU B 316 -21.95 -16.45 4.94
C GLU B 316 -22.34 -17.69 5.78
N LYS B 317 -21.35 -18.44 6.27
CA LYS B 317 -21.62 -19.63 7.10
C LYS B 317 -21.99 -19.23 8.53
N GLU B 318 -21.48 -18.11 9.03
CA GLU B 318 -21.63 -17.75 10.45
C GLU B 318 -22.05 -16.27 10.52
N PRO B 319 -23.22 -15.92 9.96
CA PRO B 319 -23.75 -14.58 10.00
C PRO B 319 -24.09 -14.10 11.42
N GLU B 320 -24.21 -15.02 12.36
CA GLU B 320 -24.40 -14.69 13.77
C GLU B 320 -23.19 -13.96 14.37
N ARG B 321 -22.03 -13.99 13.73
CA ARG B 321 -20.90 -13.20 14.21
C ARG B 321 -21.18 -11.70 14.22
N VAL B 322 -21.84 -11.22 13.19
CA VAL B 322 -22.21 -9.82 13.13
C VAL B 322 -23.16 -9.53 14.27
N GLU B 323 -24.15 -10.42 14.49
CA GLU B 323 -25.05 -10.22 15.62
C GLU B 323 -24.31 -10.16 16.96
N ARG B 324 -23.36 -11.03 17.20
CA ARG B 324 -22.61 -11.08 18.43
C ARG B 324 -21.80 -9.79 18.60
N LEU B 325 -21.21 -9.32 17.48
CA LEU B 325 -20.43 -8.06 17.51
C LEU B 325 -21.29 -6.94 18.10
N TRP B 326 -22.52 -6.79 17.58
CA TRP B 326 -23.41 -5.76 18.02
C TRP B 326 -23.96 -5.97 19.44
N GLU B 327 -24.20 -7.24 19.83
CA GLU B 327 -24.60 -7.52 21.20
C GLU B 327 -23.53 -7.08 22.18
N ASN B 328 -22.31 -7.45 21.84
CA ASN B 328 -21.18 -7.16 22.65
C ASN B 328 -21.02 -5.64 22.78
N THR B 329 -21.16 -4.94 21.64
CA THR B 329 -21.04 -3.48 21.60
C THR B 329 -22.09 -2.84 22.53
N ARG B 330 -23.36 -3.20 22.34
CA ARG B 330 -24.42 -2.63 23.16
C ARG B 330 -24.13 -2.87 24.64
N TYR B 331 -23.73 -4.07 24.99
CA TYR B 331 -23.41 -4.36 26.38
C TYR B 331 -22.33 -3.44 26.95
N PHE B 332 -21.18 -3.42 26.26
CA PHE B 332 -20.06 -2.63 26.71
C PHE B 332 -20.45 -1.17 26.87
N LYS B 333 -21.10 -0.59 25.86
CA LYS B 333 -21.53 0.81 25.90
CA LYS B 333 -21.48 0.81 25.97
C LYS B 333 -22.46 1.07 27.09
N ARG B 334 -23.39 0.16 27.34
CA ARG B 334 -24.38 0.43 28.40
C ARG B 334 -23.71 0.35 29.75
N GLU B 335 -22.78 -0.57 29.93
CA GLU B 335 -22.09 -0.70 31.18
C GLU B 335 -21.18 0.48 31.45
N LEU B 336 -20.50 0.99 30.38
CA LEU B 336 -19.69 2.18 30.54
C LEU B 336 -20.58 3.38 30.94
N ALA B 337 -21.76 3.53 30.33
CA ALA B 337 -22.68 4.61 30.66
C ALA B 337 -23.07 4.47 32.13
N ARG B 338 -23.25 3.22 32.57
CA ARG B 338 -23.77 3.01 33.94
C ARG B 338 -22.71 3.41 34.95
N LEU B 339 -21.42 3.26 34.61
CA LEU B 339 -20.32 3.69 35.46
C LEU B 339 -20.21 5.22 35.49
N GLY B 340 -20.73 5.92 34.46
CA GLY B 340 -20.71 7.35 34.39
C GLY B 340 -19.84 7.91 33.26
N TYR B 341 -19.26 7.00 32.42
CA TYR B 341 -18.45 7.45 31.30
C TYR B 341 -19.27 7.91 30.12
N ASP B 342 -18.65 8.78 29.31
CA ASP B 342 -19.22 9.32 28.08
C ASP B 342 -18.55 8.67 26.86
N THR B 343 -19.34 7.98 26.08
CA THR B 343 -18.84 7.31 24.85
C THR B 343 -19.13 8.10 23.58
N LEU B 344 -19.41 9.42 23.73
CA LEU B 344 -19.31 10.41 22.64
C LEU B 344 -20.35 10.17 21.55
N GLY B 345 -21.43 9.49 21.87
CA GLY B 345 -22.46 9.28 20.88
C GLY B 345 -22.08 8.24 19.80
N SER B 346 -20.99 7.52 20.03
CA SER B 346 -20.58 6.50 19.08
CA SER B 346 -20.60 6.51 19.06
C SER B 346 -21.75 5.56 18.76
N GLN B 347 -21.80 5.10 17.51
CA GLN B 347 -22.87 4.26 17.03
C GLN B 347 -22.41 2.87 16.62
N THR B 348 -21.10 2.62 16.63
CA THR B 348 -20.57 1.40 16.09
C THR B 348 -19.78 0.70 17.19
N PRO B 349 -19.14 -0.47 16.92
CA PRO B 349 -18.28 -1.07 17.94
C PRO B 349 -17.09 -0.24 18.38
N ILE B 350 -16.74 0.79 17.59
CA ILE B 350 -15.79 1.78 18.02
C ILE B 350 -16.37 2.52 19.21
N THR B 351 -15.73 2.32 20.37
CA THR B 351 -16.31 2.80 21.63
C THR B 351 -15.29 3.72 22.30
N PRO B 352 -15.26 5.03 22.01
CA PRO B 352 -14.34 5.96 22.70
C PRO B 352 -14.87 6.17 24.10
N VAL B 353 -13.94 6.31 25.04
CA VAL B 353 -14.29 6.77 26.38
C VAL B 353 -13.55 8.07 26.63
N LEU B 354 -14.33 9.10 26.95
CA LEU B 354 -13.84 10.46 27.12
C LEU B 354 -13.04 10.60 28.40
N PHE B 355 -11.84 11.16 28.28
CA PHE B 355 -11.03 11.52 29.42
C PHE B 355 -10.77 13.04 29.48
N GLY B 356 -11.00 13.74 28.37
CA GLY B 356 -10.89 15.21 28.37
C GLY B 356 -9.57 15.66 27.79
N GLU B 357 -8.52 15.78 28.63
CA GLU B 357 -7.24 16.23 28.17
C GLU B 357 -6.31 15.08 27.84
N ALA B 358 -5.34 15.34 26.96
CA ALA B 358 -4.49 14.26 26.43
C ALA B 358 -3.72 13.61 27.56
N PRO B 359 -3.07 14.37 28.49
CA PRO B 359 -2.30 13.69 29.53
C PRO B 359 -3.11 12.73 30.38
N LEU B 360 -4.38 13.05 30.66
CA LEU B 360 -5.20 12.18 31.45
C LEU B 360 -5.59 10.92 30.65
N ALA B 361 -5.84 11.10 29.38
CA ALA B 361 -6.13 9.92 28.55
C ALA B 361 -4.95 8.97 28.51
N PHE B 362 -3.74 9.50 28.39
CA PHE B 362 -2.53 8.67 28.32
C PHE B 362 -2.27 8.00 29.65
N GLU B 363 -2.46 8.71 30.74
CA GLU B 363 -2.31 8.11 32.07
C GLU B 363 -3.36 7.03 32.26
N ALA B 364 -4.59 7.27 31.83
CA ALA B 364 -5.63 6.25 31.98
C ALA B 364 -5.26 4.96 31.20
N SER B 365 -4.76 5.13 29.99
CA SER B 365 -4.33 4.02 29.13
C SER B 365 -3.22 3.22 29.79
N ARG B 366 -2.30 3.90 30.45
CA ARG B 366 -1.19 3.25 31.13
C ARG B 366 -1.74 2.45 32.33
N LEU B 367 -2.69 3.05 33.07
CA LEU B 367 -3.24 2.42 34.26
C LEU B 367 -4.13 1.24 33.85
N LEU B 368 -4.82 1.34 32.71
CA LEU B 368 -5.61 0.22 32.25
C LEU B 368 -4.70 -0.97 31.92
N LEU B 369 -3.54 -0.71 31.35
CA LEU B 369 -2.61 -1.75 30.95
C LEU B 369 -2.08 -2.47 32.19
N GLU B 370 -1.86 -1.71 33.25
CA GLU B 370 -1.45 -2.34 34.51
C GLU B 370 -2.54 -3.26 35.06
N GLU B 371 -3.79 -3.01 34.75
CA GLU B 371 -4.91 -3.85 35.08
C GLU B 371 -5.12 -4.99 34.07
N GLY B 372 -4.26 -5.09 33.04
CA GLY B 372 -4.43 -6.17 32.04
C GLY B 372 -5.40 -5.84 30.91
N VAL B 373 -5.57 -4.53 30.65
CA VAL B 373 -6.52 -4.12 29.62
C VAL B 373 -5.80 -3.18 28.68
N PHE B 374 -5.78 -3.57 27.39
CA PHE B 374 -5.00 -2.88 26.37
C PHE B 374 -5.90 -2.12 25.40
N ALA B 375 -5.83 -0.79 25.52
CA ALA B 375 -6.60 0.06 24.60
C ALA B 375 -5.73 1.27 24.26
N VAL B 376 -6.23 2.11 23.37
CA VAL B 376 -5.38 3.13 22.75
C VAL B 376 -5.78 4.54 23.21
N GLY B 377 -4.91 5.22 23.92
CA GLY B 377 -5.12 6.64 24.24
C GLY B 377 -4.92 7.53 23.01
N ILE B 378 -5.80 8.53 22.84
CA ILE B 378 -5.74 9.41 21.68
C ILE B 378 -6.04 10.83 22.18
N GLY B 379 -5.18 11.78 21.81
CA GLY B 379 -5.40 13.17 22.14
C GLY B 379 -5.10 14.08 20.94
N PHE B 380 -5.16 15.37 21.21
CA PHE B 380 -4.78 16.33 20.20
C PHE B 380 -3.34 16.09 19.78
N PRO B 381 -2.97 16.22 18.49
CA PRO B 381 -3.84 16.68 17.40
C PRO B 381 -4.80 15.73 16.69
N THR B 382 -4.80 14.45 17.02
CA THR B 382 -5.59 13.47 16.30
C THR B 382 -7.09 13.72 16.55
N VAL B 383 -7.42 14.14 17.79
CA VAL B 383 -8.76 14.45 18.24
C VAL B 383 -8.73 15.83 18.92
N PRO B 384 -9.90 16.46 19.07
CA PRO B 384 -9.87 17.85 19.59
C PRO B 384 -9.36 17.97 21.00
N ARG B 385 -8.79 19.17 21.32
CA ARG B 385 -8.51 19.54 22.70
C ARG B 385 -9.78 19.49 23.52
N GLY B 386 -9.66 18.83 24.68
CA GLY B 386 -10.81 18.61 25.51
C GLY B 386 -11.60 17.38 25.22
N LYS B 387 -11.23 16.68 24.10
CA LYS B 387 -11.93 15.46 23.71
C LYS B 387 -11.03 14.26 23.60
N ALA B 388 -9.96 14.26 24.40
CA ALA B 388 -9.02 13.14 24.42
C ALA B 388 -9.83 11.96 24.96
N ARG B 389 -9.45 10.74 24.52
CA ARG B 389 -10.21 9.55 24.82
C ARG B 389 -9.29 8.35 24.83
N ILE B 390 -9.84 7.25 25.31
CA ILE B 390 -9.31 5.92 25.04
C ILE B 390 -10.26 5.28 24.03
N ARG B 391 -9.71 4.82 22.89
CA ARG B 391 -10.46 4.15 21.88
C ARG B 391 -10.44 2.64 22.14
N ASN B 392 -11.65 2.09 22.26
CA ASN B 392 -11.79 0.65 22.45
C ASN B 392 -12.55 0.13 21.24
N ILE B 393 -12.11 -0.97 20.64
CA ILE B 393 -12.93 -1.57 19.60
C ILE B 393 -13.39 -2.95 20.09
N VAL B 394 -14.71 -3.03 20.24
CA VAL B 394 -15.32 -4.31 20.60
C VAL B 394 -15.36 -5.21 19.36
N THR B 395 -15.19 -6.52 19.56
CA THR B 395 -15.27 -7.52 18.52
C THR B 395 -16.25 -8.61 18.87
N ALA B 396 -16.57 -9.41 17.85
CA ALA B 396 -17.44 -10.58 18.01
C ALA B 396 -16.80 -11.63 18.92
N ALA B 397 -15.48 -11.68 19.03
CA ALA B 397 -14.72 -12.70 19.73
C ALA B 397 -14.57 -12.38 21.21
N HIS B 398 -14.86 -11.18 21.68
CA HIS B 398 -14.79 -10.88 23.08
C HIS B 398 -15.93 -11.63 23.77
N THR B 399 -15.58 -12.21 24.91
CA THR B 399 -16.58 -12.84 25.72
C THR B 399 -17.07 -11.88 26.79
N LYS B 400 -18.12 -12.31 27.49
CA LYS B 400 -18.62 -11.54 28.61
C LYS B 400 -17.54 -11.33 29.68
N GLU B 401 -16.79 -12.38 30.04
CA GLU B 401 -15.79 -12.27 31.07
C GLU B 401 -14.67 -11.29 30.63
N MET B 402 -14.28 -11.30 29.35
CA MET B 402 -13.32 -10.32 28.89
C MET B 402 -13.88 -8.88 29.00
N LEU B 403 -15.11 -8.67 28.53
CA LEU B 403 -15.70 -7.33 28.57
C LEU B 403 -15.87 -6.89 30.03
N ASP B 404 -16.23 -7.82 30.92
CA ASP B 404 -16.40 -7.44 32.31
C ASP B 404 -15.08 -7.12 32.99
N LYS B 405 -13.98 -7.78 32.62
CA LYS B 405 -12.65 -7.48 33.07
C LYS B 405 -12.29 -6.08 32.61
N ALA B 406 -12.60 -5.77 31.34
CA ALA B 406 -12.35 -4.41 30.89
C ALA B 406 -13.15 -3.38 31.68
N LEU B 407 -14.42 -3.66 31.92
CA LEU B 407 -15.32 -2.77 32.68
C LEU B 407 -14.78 -2.61 34.10
N GLU B 408 -14.33 -3.69 34.74
CA GLU B 408 -13.71 -3.63 36.07
C GLU B 408 -12.51 -2.72 36.13
N ALA B 409 -11.66 -2.78 35.11
CA ALA B 409 -10.49 -1.94 35.04
C ALA B 409 -10.93 -0.48 34.80
N TYR B 410 -11.90 -0.28 33.92
CA TYR B 410 -12.38 1.10 33.70
C TYR B 410 -12.95 1.70 34.98
N GLU B 411 -13.68 0.91 35.75
CA GLU B 411 -14.26 1.41 37.00
C GLU B 411 -13.12 1.81 37.94
N LYS B 412 -12.12 0.96 38.12
CA LYS B 412 -11.02 1.20 39.03
C LYS B 412 -10.19 2.42 38.65
N VAL B 413 -9.86 2.50 37.38
CA VAL B 413 -9.04 3.59 36.89
C VAL B 413 -9.86 4.87 36.94
N GLY B 414 -11.11 4.80 36.54
CA GLY B 414 -11.96 5.98 36.49
C GLY B 414 -12.15 6.60 37.86
N LYS B 415 -12.32 5.76 38.86
CA LYS B 415 -12.48 6.25 40.21
C LYS B 415 -11.20 6.92 40.69
N ARG B 416 -10.09 6.27 40.39
CA ARG B 416 -8.79 6.75 40.77
C ARG B 416 -8.50 8.12 40.16
N LEU B 417 -8.98 8.40 38.94
CA LEU B 417 -8.65 9.65 38.27
C LEU B 417 -9.74 10.71 38.43
N GLY B 418 -10.84 10.36 39.11
CA GLY B 418 -11.97 11.25 39.34
C GLY B 418 -12.77 11.58 38.08
N ILE B 419 -12.72 10.78 37.03
CA ILE B 419 -13.69 11.01 35.98
C ILE B 419 -15.03 10.40 36.39
N ILE B 420 -15.06 9.38 37.26
CA ILE B 420 -16.35 8.80 37.66
C ILE B 420 -16.40 8.68 39.17
N ARG B 421 -17.63 8.49 39.67
CA ARG B 421 -17.92 8.41 41.10
C ARG B 421 -17.78 6.97 41.58
C1 MPD C . 7.89 -1.11 17.82
C2 MPD C . 8.55 -1.05 16.46
O2 MPD C . 7.73 -0.25 15.53
CM MPD C . 8.58 -2.40 15.79
C3 MPD C . 10.00 -0.56 16.56
C4 MPD C . 10.94 -1.46 17.37
O4 MPD C . 10.79 -2.82 17.01
C5 MPD C . 12.43 -1.15 17.21
H11 MPD C . 8.50 -0.78 18.50
H12 MPD C . 7.65 -2.03 18.02
H13 MPD C . 7.09 -0.56 17.81
HO2 MPD C . 8.20 0.37 15.18
HM1 MPD C . 9.29 -2.42 15.13
HM2 MPD C . 7.73 -2.55 15.36
HM3 MPD C . 8.74 -3.08 16.46
H31 MPD C . 10.00 0.33 16.96
H32 MPD C . 10.36 -0.48 15.65
H4 MPD C . 10.70 -1.38 18.34
HO4 MPD C . 11.18 -2.97 16.27
H51 MPD C . 12.91 -1.95 16.97
H52 MPD C . 12.77 -0.81 18.06
H53 MPD C . 12.54 -0.48 16.52
C1 MPD D . 23.36 -19.19 -18.61
C2 MPD D . 23.45 -19.92 -19.94
O2 MPD D . 22.26 -19.54 -20.68
CM MPD D . 23.44 -21.42 -19.73
C3 MPD D . 24.71 -19.44 -20.68
C4 MPD D . 25.54 -20.42 -21.41
O4 MPD D . 24.67 -21.28 -22.08
C5 MPD D . 26.42 -19.74 -22.42
H11 MPD D . 24.24 -18.85 -18.37
H12 MPD D . 23.04 -19.80 -17.93
H13 MPD D . 22.75 -18.44 -18.71
HO2 MPD D . 22.46 -19.10 -21.40
HM1 MPD D . 24.34 -21.74 -19.61
HM2 MPD D . 23.05 -21.86 -20.51
HM3 MPD D . 22.91 -21.64 -18.94
H31 MPD D . 25.29 -19.00 -20.02
H32 MPD D . 24.43 -18.76 -21.32
H4 MPD D . 26.10 -20.94 -20.76
HO4 MPD D . 24.18 -20.85 -22.62
H51 MPD D . 25.97 -19.70 -23.28
H52 MPD D . 27.25 -20.23 -22.52
H53 MPD D . 26.61 -18.84 -22.12
N1 A1H4V E . 10.23 1.65 -7.18
N3 A1H4V E . 8.27 -1.55 -10.45
C4 A1H4V E . 8.55 -0.11 -8.55
C5 A1H4V E . 8.26 0.28 -7.21
C6 A1H4V E . 9.11 1.19 -6.59
C7 A1H4V E . 7.22 -2.12 -11.26
C8 A1H4V E . 7.93 -2.90 -12.37
C10 A1H4V E . 5.14 -1.69 -12.37
C2 A1H4V E . 10.55 1.25 -8.40
C2A A1H4V E . 11.84 1.79 -8.96
C3 A1H4V E . 9.76 0.34 -9.12
O3 A1H4V E . 10.07 0.09 -10.33
C4A A1H4V E . 7.60 -1.02 -9.30
C5A A1H4V E . 7.01 -0.15 -6.49
O4P A1H4V E . 7.31 -1.34 -5.68
P A1H4V E . 5.99 -2.12 -5.08
O1P A1H4V E . 6.63 -2.86 -3.92
O2P A1H4V E . 5.05 -1.03 -4.58
O3P A1H4V E . 5.46 -3.10 -6.11
S1 A1H4V E . 6.03 -0.33 -10.07
C9 A1H4V E . 6.36 -0.97 -11.80
C11 A1H4V E . 6.95 0.00 -12.87
O12 A1H4V E . 7.38 -3.87 -12.85
O14 A1H4V E . 8.97 -2.37 -12.76
HN3 A1H4V E . 8.88 -2.12 -10.20
H6 A1H4V E . 8.92 1.44 -5.71
H7 A1H4V E . 6.68 -2.75 -10.71
H10 A1H4V E . 5.11 -2.61 -12.05
H101 A1H4V E . 5.20 -1.70 -13.35
H102 A1H4V E . 4.33 -1.22 -12.10
H2A2 A1H4V E . 12.49 1.91 -8.24
H2A3 A1H4V E . 11.67 2.65 -9.39
H2A1 A1H4V E . 12.21 1.18 -9.61
H4A A1H4V E . 7.36 -1.79 -8.71
H5A1 A1H4V E . 6.29 -0.36 -7.13
H5A2 A1H4V E . 6.69 0.58 -5.91
H11 A1H4V E . 7.91 -0.16 -12.96
H111 A1H4V E . 6.81 0.92 -12.58
H112 A1H4V E . 6.52 -0.14 -13.73
C1 MPD F . -13.83 22.64 28.26
C2 MPD F . -13.40 22.29 26.86
O2 MPD F . -13.83 20.93 26.59
CM MPD F . -14.17 23.19 25.90
C3 MPD F . -11.89 22.37 26.60
C4 MPD F . -10.92 21.96 27.63
O4 MPD F . -11.39 20.77 28.18
C5 MPD F . -9.50 21.75 27.06
H11 MPD F . -13.09 23.06 28.73
H12 MPD F . -14.09 21.82 28.73
H13 MPD F . -14.58 23.26 28.23
HO2 MPD F . -13.15 20.47 26.36
HM1 MPD F . -13.58 23.46 25.18
HM2 MPD F . -14.48 23.97 26.38
HM3 MPD F . -14.92 22.70 25.54
H31 MPD F . -11.70 23.29 26.37
H32 MPD F . -11.71 21.84 25.80
H4 MPD F . -10.88 22.65 28.34
HO4 MPD F . -11.52 20.19 27.58
H51 MPD F . -9.27 20.80 27.08
H52 MPD F . -8.85 22.24 27.59
H53 MPD F . -9.46 22.06 26.14
C1 MPD G . -7.07 -6.70 -14.10
C2 MPD G . -8.05 -7.76 -14.56
O2 MPD G . -8.05 -8.71 -13.51
CM MPD G . -7.60 -8.37 -15.89
C3 MPD G . -9.51 -7.33 -14.71
C4 MPD G . -10.41 -8.51 -15.20
O4 MPD G . -10.35 -9.60 -14.24
C5 MPD G . -11.85 -8.16 -15.48
H11 MPD G . -7.57 -5.91 -13.86
H12 MPD G . -6.46 -6.50 -14.82
H13 MPD G . -6.57 -7.02 -13.34
HO2 MPD G . -8.84 -8.80 -13.22
HM1 MPD G . -8.10 -7.94 -16.61
HM2 MPD G . -7.78 -9.32 -15.89
HM3 MPD G . -6.65 -8.21 -16.02
H31 MPD G . -9.56 -6.59 -15.33
H32 MPD G . -9.83 -7.02 -13.82
H4 MPD G . -10.03 -8.85 -16.05
HO4 MPD G . -10.50 -9.31 -13.46
H51 MPD G . -12.43 -8.64 -14.86
H52 MPD G . -12.08 -8.42 -16.39
H53 MPD G . -11.99 -7.20 -15.37
C1 MPD H . -21.04 -10.66 26.13
C2 MPD H . -22.55 -10.51 26.13
O2 MPD H . -23.12 -11.73 25.61
CM MPD H . -23.00 -9.45 25.14
C3 MPD H . -23.08 -10.28 27.54
C4 MPD H . -24.57 -10.03 27.55
O4 MPD H . -25.13 -10.97 26.65
C5 MPD H . -25.26 -10.17 28.88
H11 MPD H . -20.70 -10.48 27.03
H12 MPD H . -20.64 -10.04 25.50
H13 MPD H . -20.80 -11.57 25.88
HO2 MPD H . -23.61 -11.91 26.15
HM1 MPD H . -23.43 -8.72 25.61
HM2 MPD H . -23.63 -9.85 24.51
HM3 MPD H . -22.23 -9.11 24.66
H31 MPD H . -22.63 -9.50 27.93
H32 MPD H . -22.88 -11.06 28.09
H4 MPD H . -24.75 -9.12 27.21
HO4 MPD H . -25.02 -11.76 26.94
H51 MPD H . -25.77 -11.01 28.90
H52 MPD H . -25.87 -9.43 29.01
H53 MPD H . -24.60 -10.18 29.60
C1 MPD I . -16.93 -4.85 36.83
C2 MPD I . -18.37 -4.37 36.72
O2 MPD I . -18.35 -3.00 36.27
CM MPD I . -19.03 -4.35 38.09
C3 MPD I . -19.15 -5.22 35.70
C4 MPD I . -20.65 -5.18 35.81
O4 MPD I . -21.19 -5.25 34.50
C5 MPD I . -21.20 -6.28 36.66
H11 MPD I . -16.78 -5.56 36.17
H12 MPD I . -16.77 -5.19 37.71
H13 MPD I . -16.35 -4.10 36.64
HO2 MPD I . -18.77 -2.90 35.48
HM1 MPD I . -19.55 -5.16 38.21
HM2 MPD I . -19.60 -3.57 38.16
HM3 MPD I . -18.34 -4.31 38.78
H31 MPD I . -18.85 -6.15 35.79
H32 MPD I . -18.89 -4.91 34.80
H4 MPD I . -20.91 -4.30 36.20
HO4 MPD I . -20.93 -5.95 34.11
H51 MPD I . -21.80 -6.82 36.12
H52 MPD I . -21.68 -5.90 37.40
H53 MPD I . -20.47 -6.84 36.99
N1 A1H4V J . -9.68 4.44 6.02
N3 A1H4V J . -7.84 2.85 10.40
C4 A1H4V J . -8.10 3.44 8.09
C5 A1H4V J . -7.75 3.19 6.76
C6 A1H4V J . -8.57 3.73 5.75
C7 A1H4V J . -6.84 2.82 11.49
C8 A1H4V J . -7.57 2.70 12.81
C10 A1H4V J . -4.68 3.72 12.26
C2 A1H4V J . -10.07 4.64 7.31
C2A A1H4V J . -11.33 5.40 7.54
C3 A1H4V J . -9.28 4.18 8.36
O3 A1H4V J . -9.69 4.38 9.60
C4A A1H4V J . -7.13 2.99 9.16
C5A A1H4V J . -6.50 2.46 6.34
O4P A1H4V J . -6.82 1.10 5.89
P A1H4V J . -5.58 0.18 5.54
O1P A1H4V J . -4.67 0.98 4.72
O2P A1H4V J . -5.02 -0.33 6.87
O3P A1H4V J . -6.19 -0.97 4.72
S1 A1H4V J . -5.56 3.98 9.64
C9 A1H4V J . -5.95 3.99 11.45
C11 A1H4V J . -6.64 5.28 11.92
O12 A1H4V J . -6.93 2.19 13.78
O14 A1H4V J . -8.75 3.13 12.88
HN3 A1H4V J . -8.43 3.47 10.50
H6 A1H4V J . -8.35 3.58 4.84
H7 A1H4V J . -6.29 2.02 11.37
H10 A1H4V J . -4.66 2.79 12.54
H101 A1H4V J . -4.66 4.30 13.04
H102 A1H4V J . -3.90 3.91 11.70
H2A2 A1H4V J . -12.04 5.04 6.97
H2A3 A1H4V J . -11.21 6.34 7.32
H2A1 A1H4V J . -11.62 5.33 8.45
H4A A1H4V J . -6.83 2.08 8.91
H5A1 A1H4V J . -5.87 2.41 7.08
H5A2 A1H4V J . -6.07 2.93 5.59
H11 A1H4V J . -7.60 5.21 11.79
H111 A1H4V J . -6.29 6.03 11.39
H112 A1H4V J . -6.44 5.42 12.86
#